data_4MMW
#
_entry.id   4MMW
#
_cell.length_a   118.099
_cell.length_b   118.099
_cell.length_c   133.278
_cell.angle_alpha   90.00
_cell.angle_beta   90.00
_cell.angle_gamma   90.00
#
_symmetry.space_group_name_H-M   'I 4'
#
loop_
_entity.id
_entity.type
_entity.pdbx_description
1 polymer 'Isomerase/lactonizing enzyme'
2 non-polymer 'MAGNESIUM ION'
3 non-polymer XYLAROHYDROXAMATE
4 non-polymer '(2R,3S,4R)-2,3,4-TRIHYDROXY-5-(HYDROXYAMINO)-5-OXOPENTANOIC ACID'
5 non-polymer 'CHLORIDE ION'
6 non-polymer 'TRIETHYLENE GLYCOL'
7 water water
#
_entity_poly.entity_id   1
_entity_poly.type   'polypeptide(L)'
_entity_poly.pdbx_seq_one_letter_code
;MGSSHHHHHHSSGLVPRGSHMIIMIITDVEVRVFRTTTRRHSDSAGHAHPGPAHQVEQAMLTVRTEDGQEGHSFTAPEIV
RPHVIEKFVKKVLIGEDHRDRERLWQDLAHWQRGSAAQLTDRTLAVVDCALWDLAGRSLGQPVYKLIGGYRDKVLAYGSI
MCGDELEGGLATPEDYGRFAETLVKRGYKGIKLHTWMPPVSWAPDVKMDLKACAAVREAVGPDIRLMIDAFHWYSRTDAL
ALGRGLEKLGFDWIEEPMDEQSLSSYKWLSDNLDIPVVGPESAAGKHWHRAEWIKAGACDILRTGVNDVGGITPALKTMH
LAEAFGMECEVHGNTAMNLHVVAATKNCRWYERGLLHPFLEYDDGHDYLKSLSDPMDRDGFVHVPDRPGLGEDIDFTFID
NNRVR
;
_entity_poly.pdbx_strand_id   A,B
#
# COMPACT_ATOMS: atom_id res chain seq x y z
N MET A 24 -23.87 14.94 14.26
CA MET A 24 -23.43 15.64 15.48
C MET A 24 -21.96 15.94 15.34
N ILE A 25 -21.49 16.97 16.04
CA ILE A 25 -20.10 17.37 15.90
C ILE A 25 -19.16 16.41 16.63
N ILE A 26 -18.17 15.89 15.93
CA ILE A 26 -17.15 15.05 16.56
C ILE A 26 -16.24 15.89 17.43
N THR A 27 -16.12 15.52 18.71
CA THR A 27 -15.34 16.29 19.67
C THR A 27 -14.05 15.59 20.10
N ASP A 28 -14.00 14.27 19.99
CA ASP A 28 -12.82 13.53 20.45
C ASP A 28 -12.55 12.31 19.59
N VAL A 29 -11.26 12.01 19.40
CA VAL A 29 -10.83 10.71 18.87
C VAL A 29 -9.84 10.14 19.86
N GLU A 30 -10.13 8.95 20.38
CA GLU A 30 -9.32 8.37 21.46
C GLU A 30 -8.94 6.93 21.13
N VAL A 31 -7.73 6.55 21.52
CA VAL A 31 -7.29 5.17 21.37
C VAL A 31 -6.97 4.63 22.76
N ARG A 32 -7.50 3.45 23.06
CA ARG A 32 -7.16 2.74 24.28
C ARG A 32 -6.50 1.42 23.92
N VAL A 33 -5.28 1.23 24.41
CA VAL A 33 -4.56 -0.02 24.17
C VAL A 33 -4.66 -0.90 25.41
N PHE A 34 -5.02 -2.16 25.22
CA PHE A 34 -5.18 -3.08 26.34
C PHE A 34 -4.65 -4.46 25.99
N ARG A 35 -4.49 -5.32 27.00
CA ARG A 35 -4.01 -6.66 26.79
C ARG A 35 -5.14 -7.68 26.75
N THR A 36 -5.18 -8.47 25.68
CA THR A 36 -6.13 -9.56 25.57
C THR A 36 -5.34 -10.88 25.72
N THR A 37 -5.98 -11.87 26.34
CA THR A 37 -5.35 -13.17 26.55
C THR A 37 -5.85 -14.09 25.47
N THR A 38 -4.92 -14.68 24.71
CA THR A 38 -5.30 -15.47 23.55
C THR A 38 -4.29 -16.57 23.30
N ARG A 39 -4.71 -17.62 22.59
CA ARG A 39 -3.79 -18.67 22.18
C ARG A 39 -3.36 -18.50 20.73
N ARG A 40 -3.87 -17.46 20.09
CA ARG A 40 -3.50 -17.16 18.71
C ARG A 40 -2.16 -16.45 18.64
N HIS A 41 -1.27 -16.96 17.78
CA HIS A 41 0.01 -16.34 17.50
C HIS A 41 0.09 -16.08 16.00
N SER A 42 0.97 -15.19 15.57
CA SER A 42 1.21 -15.05 14.14
C SER A 42 2.68 -15.28 13.85
N ASP A 43 2.98 -16.06 12.82
CA ASP A 43 4.39 -16.34 12.50
C ASP A 43 5.00 -15.11 11.82
N SER A 44 6.26 -15.24 11.41
CA SER A 44 6.99 -14.08 10.90
C SER A 44 6.43 -13.58 9.56
N ALA A 45 5.66 -14.43 8.87
CA ALA A 45 5.04 -14.02 7.60
C ALA A 45 3.61 -13.55 7.81
N GLY A 46 3.17 -13.55 9.06
CA GLY A 46 1.86 -13.02 9.40
C GLY A 46 0.76 -14.07 9.50
N HIS A 47 1.11 -15.35 9.40
CA HIS A 47 0.08 -16.39 9.44
C HIS A 47 -0.26 -16.81 10.88
N ALA A 48 -1.55 -16.93 11.17
CA ALA A 48 -2.00 -17.31 12.51
C ALA A 48 -1.80 -18.80 12.78
N HIS A 49 -1.47 -19.12 14.03
CA HIS A 49 -1.33 -20.49 14.50
C HIS A 49 -1.71 -20.53 15.97
N PRO A 50 -2.15 -21.71 16.45
CA PRO A 50 -2.33 -21.83 17.89
C PRO A 50 -1.00 -22.05 18.59
N GLY A 51 -0.85 -21.41 19.74
CA GLY A 51 0.34 -21.59 20.54
C GLY A 51 0.00 -21.44 22.01
N PRO A 52 1.02 -21.12 22.83
CA PRO A 52 0.80 -20.93 24.27
C PRO A 52 -0.17 -19.77 24.51
N ALA A 53 -0.91 -19.83 25.62
CA ALA A 53 -1.73 -18.70 25.99
C ALA A 53 -0.79 -17.56 26.36
N HIS A 54 -1.08 -16.37 25.85
CA HIS A 54 -0.25 -15.21 26.14
C HIS A 54 -1.05 -13.93 26.01
N GLN A 55 -0.48 -12.83 26.47
CA GLN A 55 -1.16 -11.55 26.31
C GLN A 55 -0.68 -10.81 25.07
N VAL A 56 -1.64 -10.26 24.33
CA VAL A 56 -1.37 -9.53 23.11
C VAL A 56 -1.97 -8.14 23.26
N GLU A 57 -1.30 -7.11 22.76
CA GLU A 57 -1.87 -5.77 22.82
C GLU A 57 -2.90 -5.59 21.72
N GLN A 58 -4.06 -5.06 22.09
CA GLN A 58 -5.14 -4.81 21.14
C GLN A 58 -5.56 -3.37 21.32
N ALA A 59 -5.96 -2.70 20.25
CA ALA A 59 -6.35 -1.29 20.41
C ALA A 59 -7.83 -1.08 20.11
N MET A 60 -8.45 -0.17 20.86
CA MET A 60 -9.82 0.22 20.57
C MET A 60 -9.84 1.71 20.22
N LEU A 61 -10.32 2.02 19.02
CA LEU A 61 -10.52 3.40 18.59
C LEU A 61 -11.92 3.84 18.98
N THR A 62 -12.03 5.02 19.61
CA THR A 62 -13.32 5.61 19.94
C THR A 62 -13.47 7.00 19.33
N VAL A 63 -14.60 7.21 18.65
CA VAL A 63 -14.98 8.55 18.17
C VAL A 63 -16.15 9.03 19.02
N ARG A 64 -16.04 10.24 19.56
CA ARG A 64 -17.08 10.77 20.44
C ARG A 64 -17.63 12.09 19.91
N THR A 65 -18.94 12.29 20.03
CA THR A 65 -19.55 13.54 19.61
C THR A 65 -19.90 14.45 20.79
N GLU A 66 -20.36 15.65 20.46
CA GLU A 66 -20.63 16.70 21.46
C GLU A 66 -21.59 16.27 22.56
N ASP A 67 -22.51 15.37 22.23
CA ASP A 67 -23.53 14.93 23.18
C ASP A 67 -23.09 13.71 23.99
N GLY A 68 -21.86 13.26 23.74
CA GLY A 68 -21.31 12.16 24.50
C GLY A 68 -21.45 10.80 23.88
N GLN A 69 -22.17 10.70 22.76
CA GLN A 69 -22.32 9.42 22.07
C GLN A 69 -20.97 8.96 21.54
N GLU A 70 -20.74 7.64 21.55
CA GLU A 70 -19.49 7.09 21.07
C GLU A 70 -19.70 5.98 20.06
N GLY A 71 -18.69 5.79 19.21
CA GLY A 71 -18.61 4.62 18.36
C GLY A 71 -17.20 4.04 18.54
N HIS A 72 -17.08 2.72 18.40
CA HIS A 72 -15.81 2.07 18.66
C HIS A 72 -15.48 1.05 17.60
N SER A 73 -14.18 0.79 17.40
CA SER A 73 -13.76 -0.32 16.56
C SER A 73 -12.38 -0.79 17.00
N PHE A 74 -12.05 -2.04 16.71
CA PHE A 74 -10.83 -2.65 17.21
C PHE A 74 -9.82 -2.87 16.09
N THR A 75 -8.54 -2.70 16.39
CA THR A 75 -7.48 -2.97 15.43
C THR A 75 -6.13 -3.12 16.16
N ALA A 76 -5.08 -3.44 15.42
CA ALA A 76 -3.75 -3.53 16.02
C ALA A 76 -3.25 -2.15 16.42
N PRO A 77 -2.53 -2.06 17.55
CA PRO A 77 -2.02 -0.79 18.07
C PRO A 77 -1.28 0.09 17.06
N GLU A 78 -0.45 -0.53 16.20
CA GLU A 78 0.35 0.26 15.26
C GLU A 78 -0.52 1.03 14.26
N ILE A 79 -1.70 0.48 13.97
CA ILE A 79 -2.59 1.04 12.95
C ILE A 79 -3.24 2.34 13.44
N VAL A 80 -3.32 2.49 14.76
CA VAL A 80 -3.90 3.69 15.36
C VAL A 80 -2.95 4.33 16.37
N ARG A 81 -1.65 4.22 16.10
CA ARG A 81 -0.65 4.79 16.99
C ARG A 81 -0.71 6.33 16.92
N PRO A 82 -0.12 7.02 17.91
CA PRO A 82 -0.28 8.48 17.96
C PRO A 82 0.13 9.23 16.68
N HIS A 83 1.20 8.79 16.01
CA HIS A 83 1.62 9.44 14.77
C HIS A 83 0.46 9.55 13.80
N VAL A 84 -0.28 8.46 13.63
CA VAL A 84 -1.34 8.42 12.65
C VAL A 84 -2.57 9.18 13.12
N ILE A 85 -2.89 9.02 14.41
CA ILE A 85 -4.02 9.74 15.00
C ILE A 85 -3.82 11.26 14.96
N GLU A 86 -2.64 11.72 15.36
CA GLU A 86 -2.40 13.15 15.42
C GLU A 86 -2.20 13.78 14.05
N LYS A 87 -1.50 13.09 13.17
CA LYS A 87 -1.11 13.71 11.89
C LYS A 87 -2.24 13.67 10.88
N PHE A 88 -3.09 12.66 10.98
CA PHE A 88 -4.13 12.45 9.98
C PHE A 88 -5.54 12.41 10.55
N VAL A 89 -5.81 11.49 11.47
CA VAL A 89 -7.20 11.18 11.81
C VAL A 89 -7.92 12.35 12.49
N LYS A 90 -7.32 12.90 13.55
CA LYS A 90 -7.93 14.02 14.25
C LYS A 90 -8.14 15.22 13.34
N LYS A 91 -7.19 15.48 12.46
CA LYS A 91 -7.29 16.62 11.56
C LYS A 91 -8.50 16.52 10.64
N VAL A 92 -8.84 15.31 10.23
CA VAL A 92 -9.98 15.12 9.35
C VAL A 92 -11.29 15.13 10.14
N LEU A 93 -11.32 14.42 11.27
CA LEU A 93 -12.56 14.17 11.99
C LEU A 93 -13.03 15.27 12.95
N ILE A 94 -12.10 15.85 13.71
CA ILE A 94 -12.50 16.73 14.79
C ILE A 94 -13.25 17.96 14.27
N GLY A 95 -14.43 18.20 14.82
CA GLY A 95 -15.23 19.36 14.44
C GLY A 95 -16.19 19.11 13.28
N GLU A 96 -16.20 17.89 12.76
CA GLU A 96 -17.04 17.54 11.63
C GLU A 96 -18.30 16.78 12.06
N ASP A 97 -19.33 16.84 11.21
CA ASP A 97 -20.57 16.10 11.39
C ASP A 97 -20.25 14.62 11.23
N HIS A 98 -20.53 13.81 12.24
CA HIS A 98 -20.15 12.40 12.19
C HIS A 98 -20.80 11.62 11.05
N ARG A 99 -21.92 12.15 10.53
CA ARG A 99 -22.70 11.44 9.53
C ARG A 99 -22.15 11.61 8.11
N ASP A 100 -21.21 12.54 7.94
CA ASP A 100 -20.61 12.76 6.63
C ASP A 100 -19.52 11.74 6.32
N ARG A 101 -19.88 10.46 6.40
CA ARG A 101 -18.89 9.38 6.28
C ARG A 101 -18.20 9.39 4.91
N GLU A 102 -18.96 9.71 3.86
CA GLU A 102 -18.36 9.76 2.55
C GLU A 102 -17.33 10.89 2.43
N ARG A 103 -17.68 12.08 2.91
N ARG A 103 -17.68 12.08 2.91
CA ARG A 103 -16.75 13.20 2.86
CA ARG A 103 -16.76 13.20 2.87
C ARG A 103 -15.49 12.91 3.67
C ARG A 103 -15.50 12.90 3.66
N LEU A 104 -15.68 12.36 4.87
CA LEU A 104 -14.55 12.09 5.76
C LEU A 104 -13.64 10.98 5.21
N TRP A 105 -14.26 9.94 4.64
CA TRP A 105 -13.48 8.86 4.03
C TRP A 105 -12.66 9.41 2.87
N GLN A 106 -13.28 10.22 2.00
CA GLN A 106 -12.58 10.78 0.87
C GLN A 106 -11.43 11.70 1.31
N ASP A 107 -11.64 12.46 2.38
CA ASP A 107 -10.60 13.33 2.91
C ASP A 107 -9.38 12.52 3.34
N LEU A 108 -9.61 11.40 4.04
CA LEU A 108 -8.51 10.53 4.45
C LEU A 108 -7.88 9.88 3.22
N ALA A 109 -8.71 9.44 2.28
CA ALA A 109 -8.17 8.80 1.08
C ALA A 109 -7.22 9.71 0.31
N HIS A 110 -7.57 11.00 0.21
CA HIS A 110 -6.76 11.94 -0.55
C HIS A 110 -5.48 12.37 0.18
N TRP A 111 -5.35 11.92 1.43
CA TRP A 111 -4.14 12.19 2.19
C TRP A 111 -3.17 11.02 2.21
N GLN A 112 -3.57 9.86 1.68
CA GLN A 112 -2.70 8.68 1.73
C GLN A 112 -1.45 8.84 0.88
N ARG A 113 -1.63 9.38 -0.33
CA ARG A 113 -0.52 9.53 -1.26
C ARG A 113 0.65 10.28 -0.62
N GLY A 114 0.37 11.33 0.13
CA GLY A 114 1.43 12.16 0.68
C GLY A 114 1.84 11.78 2.11
N SER A 115 1.37 10.64 2.60
CA SER A 115 1.54 10.27 4.00
C SER A 115 2.83 9.52 4.33
N ALA A 116 3.75 9.46 3.36
CA ALA A 116 5.00 8.71 3.54
C ALA A 116 4.71 7.25 3.93
N ALA A 117 3.65 6.70 3.33
CA ALA A 117 3.24 5.32 3.49
C ALA A 117 2.70 4.98 4.88
N GLN A 118 2.37 6.01 5.66
CA GLN A 118 1.90 5.76 7.03
C GLN A 118 0.38 5.80 7.20
N LEU A 119 -0.34 6.46 6.29
CA LEU A 119 -1.79 6.45 6.37
C LEU A 119 -2.33 5.32 5.51
N THR A 120 -2.54 4.16 6.13
CA THR A 120 -2.83 2.94 5.38
C THR A 120 -4.31 2.68 5.26
N ASP A 121 -4.68 1.77 4.35
CA ASP A 121 -6.07 1.36 4.24
C ASP A 121 -6.58 0.79 5.57
N ARG A 122 -5.70 0.14 6.34
CA ARG A 122 -6.08 -0.38 7.65
C ARG A 122 -6.54 0.76 8.56
N THR A 123 -5.85 1.90 8.50
CA THR A 123 -6.23 3.03 9.34
C THR A 123 -7.59 3.59 8.89
N LEU A 124 -7.76 3.72 7.58
CA LEU A 124 -9.05 4.16 7.05
C LEU A 124 -10.18 3.23 7.52
N ALA A 125 -9.91 1.92 7.52
CA ALA A 125 -10.94 0.94 7.85
C ALA A 125 -11.44 1.11 9.28
N VAL A 126 -10.51 1.27 10.22
CA VAL A 126 -10.93 1.30 11.62
C VAL A 126 -11.66 2.61 11.90
N VAL A 127 -11.23 3.68 11.25
CA VAL A 127 -11.93 4.95 11.37
C VAL A 127 -13.35 4.88 10.80
N ASP A 128 -13.48 4.39 9.57
CA ASP A 128 -14.79 4.23 8.95
C ASP A 128 -15.72 3.34 9.80
N CYS A 129 -15.17 2.26 10.34
CA CYS A 129 -15.98 1.36 11.18
C CYS A 129 -16.48 2.06 12.44
N ALA A 130 -15.61 2.80 13.11
CA ALA A 130 -16.00 3.53 14.31
C ALA A 130 -17.09 4.56 13.98
N LEU A 131 -17.00 5.19 12.82
CA LEU A 131 -18.02 6.16 12.44
C LEU A 131 -19.36 5.49 12.18
N TRP A 132 -19.34 4.31 11.57
CA TRP A 132 -20.58 3.57 11.36
C TRP A 132 -21.18 3.12 12.69
N ASP A 133 -20.32 2.64 13.59
CA ASP A 133 -20.77 2.21 14.93
C ASP A 133 -21.38 3.38 15.67
N LEU A 134 -20.75 4.55 15.57
CA LEU A 134 -21.27 5.76 16.20
C LEU A 134 -22.68 6.10 15.69
N ALA A 135 -22.89 6.01 14.38
CA ALA A 135 -24.20 6.34 13.80
C ALA A 135 -25.24 5.35 14.26
N GLY A 136 -24.88 4.08 14.28
CA GLY A 136 -25.80 3.03 14.72
C GLY A 136 -26.16 3.11 16.19
N ARG A 137 -25.15 3.23 17.05
CA ARG A 137 -25.40 3.42 18.47
C ARG A 137 -26.23 4.69 18.74
N SER A 138 -25.92 5.78 18.03
CA SER A 138 -26.68 7.03 18.23
C SER A 138 -28.16 6.87 17.93
N LEU A 139 -28.49 6.03 16.94
CA LEU A 139 -29.85 5.88 16.47
C LEU A 139 -30.52 4.62 17.03
N GLY A 140 -29.76 3.82 17.76
CA GLY A 140 -30.28 2.56 18.29
C GLY A 140 -30.58 1.55 17.18
N GLN A 141 -29.74 1.55 16.15
CA GLN A 141 -29.93 0.71 14.97
C GLN A 141 -28.70 -0.11 14.63
N PRO A 142 -28.88 -1.40 14.27
CA PRO A 142 -27.74 -2.18 13.76
C PRO A 142 -27.25 -1.59 12.45
N VAL A 143 -25.94 -1.63 12.23
CA VAL A 143 -25.38 -1.01 11.03
C VAL A 143 -26.01 -1.56 9.75
N TYR A 144 -26.16 -2.88 9.65
CA TYR A 144 -26.72 -3.44 8.40
C TYR A 144 -28.15 -2.97 8.14
N LYS A 145 -28.91 -2.72 9.20
CA LYS A 145 -30.25 -2.16 9.05
C LYS A 145 -30.24 -0.69 8.57
N LEU A 146 -29.24 0.07 9.01
CA LEU A 146 -29.08 1.45 8.58
C LEU A 146 -28.70 1.49 7.12
N ILE A 147 -27.79 0.59 6.73
CA ILE A 147 -27.40 0.49 5.33
C ILE A 147 -28.60 0.12 4.47
N GLY A 148 -29.41 -0.81 4.96
CA GLY A 148 -30.52 -1.35 4.19
C GLY A 148 -30.36 -2.86 4.19
N GLY A 149 -31.17 -3.54 4.97
CA GLY A 149 -30.96 -4.96 5.22
C GLY A 149 -31.28 -5.88 4.06
N TYR A 150 -30.47 -6.92 3.89
CA TYR A 150 -30.81 -7.98 2.93
C TYR A 150 -31.19 -9.29 3.64
N ARG A 151 -30.39 -9.65 4.63
CA ARG A 151 -30.60 -10.90 5.36
C ARG A 151 -30.17 -10.77 6.82
N ASP A 152 -30.95 -11.37 7.71
CA ASP A 152 -30.67 -11.35 9.14
C ASP A 152 -29.79 -12.52 9.57
N LYS A 153 -29.69 -13.54 8.71
CA LYS A 153 -28.79 -14.65 8.94
C LYS A 153 -28.10 -15.01 7.64
N VAL A 154 -26.94 -15.67 7.72
CA VAL A 154 -26.19 -16.00 6.51
C VAL A 154 -25.33 -17.23 6.77
N LEU A 155 -25.22 -18.08 5.74
CA LEU A 155 -24.37 -19.25 5.82
C LEU A 155 -22.93 -18.82 6.05
N ALA A 156 -22.23 -19.55 6.91
CA ALA A 156 -20.81 -19.32 7.12
C ALA A 156 -20.03 -20.51 6.56
N TYR A 157 -18.84 -20.27 6.02
CA TYR A 157 -17.92 -21.39 5.84
C TYR A 157 -16.91 -21.40 6.97
N GLY A 158 -16.42 -22.60 7.31
CA GLY A 158 -15.41 -22.73 8.34
C GLY A 158 -14.07 -22.48 7.67
N SER A 159 -13.42 -21.40 8.07
CA SER A 159 -12.17 -21.00 7.43
C SER A 159 -11.02 -21.52 8.29
N ILE A 160 -10.33 -22.52 7.78
CA ILE A 160 -9.31 -23.24 8.56
C ILE A 160 -7.99 -22.47 8.58
N MET A 161 -7.34 -22.39 9.74
CA MET A 161 -6.02 -21.77 9.83
C MET A 161 -5.01 -22.36 8.84
N CYS A 162 -4.00 -21.57 8.52
CA CYS A 162 -2.85 -22.06 7.76
C CYS A 162 -2.26 -23.32 8.37
N GLY A 163 -1.69 -24.17 7.53
CA GLY A 163 -1.07 -25.40 7.99
C GLY A 163 0.05 -25.18 8.97
N ASP A 164 0.34 -26.21 9.77
CA ASP A 164 1.39 -26.13 10.77
C ASP A 164 2.18 -27.44 10.82
N GLU A 165 3.01 -27.59 11.85
CA GLU A 165 3.77 -28.83 12.02
C GLU A 165 3.47 -29.36 13.41
N LEU A 166 2.26 -29.04 13.90
CA LEU A 166 1.82 -29.51 15.22
C LEU A 166 1.13 -30.87 15.12
N GLU A 167 1.66 -31.85 15.84
CA GLU A 167 1.10 -33.20 15.81
C GLU A 167 -0.38 -33.21 16.17
N GLY A 168 -1.21 -33.75 15.29
CA GLY A 168 -2.65 -33.77 15.51
C GLY A 168 -3.35 -32.45 15.19
N GLY A 169 -2.58 -31.44 14.80
CA GLY A 169 -3.12 -30.12 14.48
C GLY A 169 -3.49 -30.04 13.01
N LEU A 170 -2.64 -29.38 12.23
CA LEU A 170 -2.81 -29.31 10.77
C LEU A 170 -1.48 -29.65 10.12
N ALA A 171 -0.87 -30.74 10.56
CA ALA A 171 0.46 -31.12 10.10
C ALA A 171 0.43 -32.02 8.88
N THR A 172 -0.65 -32.78 8.72
CA THR A 172 -0.75 -33.77 7.66
C THR A 172 -2.03 -33.60 6.85
N PRO A 173 -2.07 -34.17 5.64
CA PRO A 173 -3.33 -34.16 4.90
C PRO A 173 -4.47 -34.79 5.70
N GLU A 174 -4.20 -35.89 6.43
CA GLU A 174 -5.24 -36.52 7.22
C GLU A 174 -5.77 -35.62 8.34
N ASP A 175 -4.90 -34.77 8.89
CA ASP A 175 -5.32 -33.81 9.92
C ASP A 175 -6.41 -32.87 9.40
N TYR A 176 -6.30 -32.47 8.15
CA TYR A 176 -7.31 -31.59 7.57
C TYR A 176 -8.61 -32.37 7.41
N GLY A 177 -8.49 -33.62 6.97
CA GLY A 177 -9.64 -34.47 6.81
C GLY A 177 -10.40 -34.64 8.10
N ARG A 178 -9.67 -34.89 9.19
CA ARG A 178 -10.33 -35.13 10.48
C ARG A 178 -10.99 -33.86 10.98
N PHE A 179 -10.32 -32.72 10.82
CA PHE A 179 -10.88 -31.47 11.30
C PHE A 179 -12.13 -31.14 10.48
N ALA A 180 -12.07 -31.41 9.17
CA ALA A 180 -13.24 -31.18 8.33
C ALA A 180 -14.48 -31.95 8.82
N GLU A 181 -14.29 -33.18 9.28
CA GLU A 181 -15.40 -33.97 9.83
C GLU A 181 -16.03 -33.25 11.02
N THR A 182 -15.18 -32.70 11.87
CA THR A 182 -15.64 -31.95 13.03
C THR A 182 -16.46 -30.71 12.64
N LEU A 183 -15.97 -29.98 11.63
CA LEU A 183 -16.67 -28.80 11.15
C LEU A 183 -18.05 -29.14 10.55
N VAL A 184 -18.14 -30.24 9.82
CA VAL A 184 -19.44 -30.66 9.30
C VAL A 184 -20.40 -30.95 10.44
N LYS A 185 -19.93 -31.67 11.45
CA LYS A 185 -20.76 -31.97 12.63
C LYS A 185 -21.24 -30.70 13.31
N ARG A 186 -20.39 -29.68 13.34
CA ARG A 186 -20.75 -28.38 13.94
C ARG A 186 -21.87 -27.70 13.17
N GLY A 187 -21.95 -27.97 11.87
CA GLY A 187 -23.03 -27.44 11.07
C GLY A 187 -22.59 -26.63 9.87
N TYR A 188 -21.28 -26.43 9.70
CA TYR A 188 -20.79 -25.70 8.53
C TYR A 188 -21.20 -26.40 7.23
N LYS A 189 -21.71 -25.64 6.27
CA LYS A 189 -22.10 -26.19 4.98
C LYS A 189 -21.00 -25.96 3.95
N GLY A 190 -19.99 -25.19 4.33
CA GLY A 190 -18.84 -24.92 3.49
C GLY A 190 -17.59 -24.92 4.36
N ILE A 191 -16.46 -25.30 3.78
CA ILE A 191 -15.18 -25.34 4.50
C ILE A 191 -14.09 -24.78 3.60
N LYS A 192 -13.23 -23.90 4.12
CA LYS A 192 -12.13 -23.41 3.30
C LYS A 192 -10.79 -23.79 3.94
N LEU A 193 -9.96 -24.50 3.20
CA LEU A 193 -8.63 -24.82 3.72
C LEU A 193 -7.71 -23.66 3.45
N HIS A 194 -6.89 -23.30 4.44
CA HIS A 194 -5.64 -22.61 4.15
C HIS A 194 -4.59 -23.68 4.34
N THR A 195 -3.77 -23.90 3.32
CA THR A 195 -2.78 -24.97 3.37
C THR A 195 -1.43 -24.43 3.88
N TRP A 196 -0.34 -25.15 3.62
CA TRP A 196 0.93 -24.87 4.29
C TRP A 196 1.75 -23.78 3.61
N MET A 197 2.32 -22.89 4.41
CA MET A 197 3.09 -21.77 3.88
C MET A 197 4.33 -21.56 4.76
N PRO A 198 5.42 -21.03 4.18
CA PRO A 198 6.55 -20.60 5.02
C PRO A 198 6.05 -19.72 6.15
N PRO A 199 6.66 -19.81 7.35
CA PRO A 199 7.88 -20.55 7.67
C PRO A 199 7.72 -22.02 8.05
N VAL A 200 6.62 -22.67 7.70
CA VAL A 200 6.58 -24.13 7.82
C VAL A 200 7.79 -24.67 7.06
N SER A 201 8.60 -25.50 7.72
CA SER A 201 9.95 -25.81 7.23
C SER A 201 10.00 -26.29 5.76
N TRP A 202 9.09 -27.19 5.39
CA TRP A 202 9.11 -27.81 4.08
C TRP A 202 8.24 -27.07 3.04
N ALA A 203 7.49 -26.07 3.49
CA ALA A 203 6.50 -25.41 2.62
C ALA A 203 7.13 -24.46 1.61
N PRO A 204 6.45 -24.21 0.48
CA PRO A 204 5.18 -24.81 0.07
C PRO A 204 5.38 -26.02 -0.84
N ASP A 205 4.32 -26.80 -1.02
CA ASP A 205 4.36 -27.96 -1.91
C ASP A 205 2.97 -28.24 -2.46
N VAL A 206 2.83 -28.11 -3.78
CA VAL A 206 1.54 -28.30 -4.43
C VAL A 206 0.94 -29.68 -4.18
N LYS A 207 1.76 -30.73 -4.25
CA LYS A 207 1.26 -32.08 -4.06
C LYS A 207 0.72 -32.27 -2.66
N MET A 208 1.36 -31.68 -1.65
CA MET A 208 0.86 -31.76 -0.29
C MET A 208 -0.47 -31.01 -0.15
N ASP A 209 -0.54 -29.83 -0.75
CA ASP A 209 -1.78 -29.06 -0.71
C ASP A 209 -2.93 -29.89 -1.29
N LEU A 210 -2.67 -30.54 -2.42
CA LEU A 210 -3.69 -31.34 -3.09
C LEU A 210 -4.07 -32.58 -2.26
N LYS A 211 -3.10 -33.17 -1.56
CA LYS A 211 -3.41 -34.30 -0.69
C LYS A 211 -4.35 -33.87 0.43
N ALA A 212 -4.15 -32.66 0.95
CA ALA A 212 -5.02 -32.16 2.01
C ALA A 212 -6.42 -31.98 1.46
N CYS A 213 -6.53 -31.38 0.27
CA CYS A 213 -7.84 -31.16 -0.35
C CYS A 213 -8.57 -32.48 -0.60
N ALA A 214 -7.82 -33.50 -1.05
CA ALA A 214 -8.39 -34.81 -1.31
C ALA A 214 -8.87 -35.50 -0.03
N ALA A 215 -8.10 -35.35 1.04
CA ALA A 215 -8.48 -35.92 2.33
C ALA A 215 -9.77 -35.30 2.82
N VAL A 216 -9.89 -33.99 2.63
CA VAL A 216 -11.10 -33.31 3.05
C VAL A 216 -12.31 -33.75 2.20
N ARG A 217 -12.16 -33.81 0.89
CA ARG A 217 -13.27 -34.28 0.05
C ARG A 217 -13.68 -35.69 0.41
N GLU A 218 -12.70 -36.54 0.68
CA GLU A 218 -13.00 -37.93 1.03
C GLU A 218 -13.80 -37.96 2.34
N ALA A 219 -13.42 -37.08 3.26
CA ALA A 219 -14.02 -37.06 4.60
C ALA A 219 -15.46 -36.54 4.63
N VAL A 220 -15.76 -35.55 3.80
CA VAL A 220 -17.06 -34.87 3.91
C VAL A 220 -18.05 -35.25 2.81
N GLY A 221 -17.56 -35.91 1.76
CA GLY A 221 -18.43 -36.28 0.64
C GLY A 221 -18.67 -35.11 -0.29
N PRO A 222 -19.47 -35.34 -1.34
CA PRO A 222 -19.66 -34.39 -2.45
C PRO A 222 -20.61 -33.21 -2.19
N ASP A 223 -21.37 -33.27 -1.09
CA ASP A 223 -22.40 -32.26 -0.82
C ASP A 223 -22.03 -31.15 0.17
N ILE A 224 -20.77 -31.11 0.55
CA ILE A 224 -20.25 -29.98 1.34
C ILE A 224 -19.43 -29.16 0.36
N ARG A 225 -19.58 -27.83 0.40
N ARG A 225 -19.57 -27.83 0.42
CA ARG A 225 -18.83 -26.96 -0.50
CA ARG A 225 -18.84 -26.96 -0.49
C ARG A 225 -17.41 -26.78 0.02
C ARG A 225 -17.41 -26.75 0.02
N LEU A 226 -16.43 -26.91 -0.87
CA LEU A 226 -15.02 -26.86 -0.48
C LEU A 226 -14.25 -25.79 -1.25
N MET A 227 -13.38 -25.08 -0.53
CA MET A 227 -12.60 -24.01 -1.14
C MET A 227 -11.17 -24.12 -0.63
N ILE A 228 -10.21 -23.61 -1.38
CA ILE A 228 -8.84 -23.56 -0.87
C ILE A 228 -8.22 -22.20 -1.10
N ASP A 229 -7.46 -21.74 -0.12
CA ASP A 229 -6.74 -20.48 -0.13
C ASP A 229 -5.31 -20.88 0.13
N ALA A 230 -4.48 -20.94 -0.92
CA ALA A 230 -3.18 -21.59 -0.83
C ALA A 230 -2.06 -20.58 -0.59
N PHE A 231 -0.83 -21.09 -0.44
CA PHE A 231 0.39 -20.26 -0.49
C PHE A 231 0.23 -19.16 -1.53
N HIS A 232 0.46 -17.92 -1.13
CA HIS A 232 0.04 -16.76 -1.94
C HIS A 232 1.03 -16.30 -2.98
N TRP A 233 2.10 -17.06 -3.19
CA TRP A 233 3.15 -16.65 -4.12
C TRP A 233 3.65 -17.77 -5.03
N TYR A 234 2.80 -18.75 -5.32
CA TYR A 234 3.17 -19.80 -6.27
C TYR A 234 3.39 -19.16 -7.65
N SER A 235 4.30 -19.75 -8.42
CA SER A 235 4.46 -19.41 -9.83
C SER A 235 3.20 -19.76 -10.60
N ARG A 236 3.08 -19.22 -11.82
CA ARG A 236 1.97 -19.58 -12.69
C ARG A 236 1.87 -21.09 -12.88
N THR A 237 3.00 -21.74 -13.16
CA THR A 237 3.01 -23.18 -13.44
C THR A 237 2.56 -24.00 -12.22
N ASP A 238 2.96 -23.59 -11.03
CA ASP A 238 2.54 -24.28 -9.79
C ASP A 238 1.05 -24.07 -9.51
N ALA A 239 0.57 -22.83 -9.63
CA ALA A 239 -0.84 -22.54 -9.42
C ALA A 239 -1.72 -23.25 -10.44
N LEU A 240 -1.23 -23.37 -11.67
CA LEU A 240 -1.96 -24.14 -12.67
C LEU A 240 -2.10 -25.59 -12.26
N ALA A 241 -1.01 -26.19 -11.80
CA ALA A 241 -1.03 -27.60 -11.37
C ALA A 241 -1.96 -27.75 -10.17
N LEU A 242 -1.92 -26.79 -9.25
CA LEU A 242 -2.82 -26.81 -8.11
C LEU A 242 -4.29 -26.78 -8.56
N GLY A 243 -4.62 -25.83 -9.42
CA GLY A 243 -5.96 -25.68 -9.94
C GLY A 243 -6.49 -26.91 -10.66
N ARG A 244 -5.64 -27.54 -11.46
N ARG A 244 -5.64 -27.54 -11.46
CA ARG A 244 -6.03 -28.74 -12.20
CA ARG A 244 -6.05 -28.75 -12.18
C ARG A 244 -6.38 -29.87 -11.22
C ARG A 244 -6.40 -29.87 -11.21
N GLY A 245 -5.62 -29.98 -10.15
CA GLY A 245 -5.86 -31.00 -9.14
C GLY A 245 -7.18 -30.77 -8.43
N LEU A 246 -7.51 -29.49 -8.21
CA LEU A 246 -8.74 -29.11 -7.52
C LEU A 246 -9.99 -29.44 -8.33
N GLU A 247 -9.87 -29.34 -9.65
CA GLU A 247 -11.01 -29.65 -10.52
C GLU A 247 -11.40 -31.12 -10.40
N LYS A 248 -10.42 -31.99 -10.19
CA LYS A 248 -10.70 -33.41 -9.99
C LYS A 248 -11.46 -33.68 -8.67
N LEU A 249 -11.37 -32.76 -7.72
CA LEU A 249 -12.03 -32.90 -6.42
C LEU A 249 -13.29 -32.05 -6.27
N GLY A 250 -13.73 -31.44 -7.37
CA GLY A 250 -14.97 -30.69 -7.36
C GLY A 250 -14.97 -29.49 -6.42
N PHE A 251 -13.80 -28.88 -6.21
CA PHE A 251 -13.74 -27.68 -5.38
C PHE A 251 -14.47 -26.52 -6.02
N ASP A 252 -15.01 -25.64 -5.19
CA ASP A 252 -15.84 -24.54 -5.66
C ASP A 252 -15.05 -23.28 -5.99
N TRP A 253 -13.91 -23.09 -5.34
CA TRP A 253 -13.00 -22.02 -5.76
C TRP A 253 -11.57 -22.20 -5.33
N ILE A 254 -10.68 -21.55 -6.06
CA ILE A 254 -9.28 -21.42 -5.69
C ILE A 254 -9.05 -19.94 -5.40
N GLU A 255 -8.38 -19.66 -4.29
CA GLU A 255 -8.20 -18.29 -3.80
C GLU A 255 -6.71 -17.98 -3.62
N GLU A 256 -6.33 -16.81 -4.11
CA GLU A 256 -4.98 -16.24 -3.95
C GLU A 256 -3.79 -17.21 -3.97
N PRO A 257 -3.66 -18.01 -5.05
CA PRO A 257 -2.50 -18.91 -5.12
C PRO A 257 -1.26 -18.22 -5.71
N MET A 258 -1.40 -16.99 -6.21
CA MET A 258 -0.28 -16.26 -6.81
C MET A 258 -0.20 -14.83 -6.27
N ASP A 259 0.92 -14.16 -6.52
CA ASP A 259 1.07 -12.78 -6.09
C ASP A 259 0.04 -11.89 -6.79
N GLU A 260 -0.89 -11.33 -6.02
CA GLU A 260 -1.97 -10.53 -6.60
C GLU A 260 -1.49 -9.21 -7.20
N GLN A 261 -0.22 -8.88 -7.01
CA GLN A 261 0.34 -7.72 -7.69
C GLN A 261 0.42 -7.94 -9.21
N SER A 262 0.29 -9.20 -9.62
CA SER A 262 0.27 -9.54 -11.04
C SER A 262 -1.13 -9.85 -11.53
N LEU A 263 -1.87 -8.80 -11.88
CA LEU A 263 -3.17 -8.92 -12.50
C LEU A 263 -3.13 -9.87 -13.71
N SER A 264 -2.10 -9.74 -14.54
CA SER A 264 -2.00 -10.54 -15.76
C SER A 264 -1.89 -12.03 -15.46
N SER A 265 -1.25 -12.38 -14.35
CA SER A 265 -1.11 -13.78 -13.99
C SER A 265 -2.49 -14.37 -13.67
N TYR A 266 -3.33 -13.55 -13.04
CA TYR A 266 -4.67 -14.00 -12.66
C TYR A 266 -5.56 -14.12 -13.87
N LYS A 267 -5.40 -13.20 -14.83
CA LYS A 267 -6.11 -13.36 -16.10
C LYS A 267 -5.73 -14.68 -16.78
N TRP A 268 -4.43 -14.96 -16.80
CA TRP A 268 -3.93 -16.18 -17.44
C TRP A 268 -4.47 -17.41 -16.70
N LEU A 269 -4.39 -17.39 -15.37
CA LEU A 269 -4.84 -18.56 -14.60
C LEU A 269 -6.34 -18.80 -14.77
N SER A 270 -7.14 -17.74 -14.67
N SER A 270 -7.14 -17.74 -14.69
CA SER A 270 -8.58 -17.86 -14.82
CA SER A 270 -8.58 -17.90 -14.81
C SER A 270 -8.94 -18.42 -16.20
C SER A 270 -8.98 -18.38 -16.21
N ASP A 271 -8.26 -17.92 -17.23
CA ASP A 271 -8.53 -18.40 -18.58
C ASP A 271 -8.20 -19.87 -18.72
N ASN A 272 -7.19 -20.32 -17.98
CA ASN A 272 -6.74 -21.71 -18.11
C ASN A 272 -7.59 -22.69 -17.29
N LEU A 273 -7.97 -22.27 -16.08
CA LEU A 273 -8.67 -23.16 -15.16
C LEU A 273 -10.17 -23.13 -15.37
N ASP A 274 -10.79 -24.30 -15.21
CA ASP A 274 -12.25 -24.39 -15.17
C ASP A 274 -12.78 -23.94 -13.80
N ILE A 275 -12.09 -24.32 -12.73
CA ILE A 275 -12.51 -23.93 -11.38
C ILE A 275 -12.50 -22.40 -11.23
N PRO A 276 -13.54 -21.86 -10.59
CA PRO A 276 -13.59 -20.41 -10.35
C PRO A 276 -12.42 -19.88 -9.52
N VAL A 277 -11.81 -18.82 -10.00
CA VAL A 277 -10.77 -18.09 -9.26
C VAL A 277 -11.40 -16.91 -8.56
N VAL A 278 -11.13 -16.77 -7.27
CA VAL A 278 -11.66 -15.64 -6.51
C VAL A 278 -10.54 -14.67 -6.12
N GLY A 279 -10.79 -13.38 -6.30
CA GLY A 279 -9.84 -12.35 -5.89
C GLY A 279 -10.26 -10.97 -6.37
N PRO A 280 -9.48 -9.93 -6.05
CA PRO A 280 -8.23 -10.04 -5.28
C PRO A 280 -8.50 -9.75 -3.81
N GLU A 281 -7.85 -10.48 -2.92
CA GLU A 281 -8.06 -10.22 -1.51
C GLU A 281 -7.16 -9.10 -1.00
N SER A 282 -5.87 -9.21 -1.27
CA SER A 282 -4.88 -8.38 -0.59
C SER A 282 -4.39 -7.19 -1.42
N ALA A 283 -4.72 -7.18 -2.71
CA ALA A 283 -4.26 -6.10 -3.58
C ALA A 283 -4.75 -4.75 -3.08
N ALA A 284 -3.90 -3.73 -3.23
CA ALA A 284 -4.26 -2.36 -2.87
C ALA A 284 -5.23 -1.76 -3.88
N GLY A 285 -5.57 -0.48 -3.70
CA GLY A 285 -6.39 0.23 -4.67
C GLY A 285 -7.89 0.15 -4.45
N LYS A 286 -8.32 -0.53 -3.38
CA LYS A 286 -9.72 -0.49 -2.94
C LYS A 286 -10.69 -0.93 -4.05
N HIS A 287 -11.83 -0.24 -4.17
CA HIS A 287 -12.81 -0.59 -5.20
C HIS A 287 -12.32 -0.26 -6.60
N TRP A 288 -11.49 0.78 -6.72
CA TRP A 288 -10.96 1.19 -8.03
C TRP A 288 -10.17 0.05 -8.65
N HIS A 289 -9.25 -0.53 -7.89
CA HIS A 289 -8.43 -1.58 -8.46
C HIS A 289 -9.25 -2.86 -8.70
N ARG A 290 -10.27 -3.07 -7.87
CA ARG A 290 -11.12 -4.24 -8.05
C ARG A 290 -11.95 -4.13 -9.34
N ALA A 291 -12.27 -2.92 -9.75
CA ALA A 291 -12.94 -2.73 -11.04
C ALA A 291 -12.03 -3.24 -12.17
N GLU A 292 -10.73 -3.05 -11.99
CA GLU A 292 -9.78 -3.46 -13.03
C GLU A 292 -9.74 -4.98 -13.15
N TRP A 293 -9.95 -5.67 -12.03
CA TRP A 293 -10.01 -7.13 -12.05
C TRP A 293 -11.23 -7.62 -12.82
N ILE A 294 -12.36 -6.93 -12.66
CA ILE A 294 -13.54 -7.24 -13.46
C ILE A 294 -13.29 -6.96 -14.95
N LYS A 295 -12.79 -5.77 -15.26
CA LYS A 295 -12.57 -5.31 -16.63
C LYS A 295 -11.67 -6.27 -17.39
N ALA A 296 -10.61 -6.74 -16.73
CA ALA A 296 -9.59 -7.57 -17.38
C ALA A 296 -9.94 -9.05 -17.35
N GLY A 297 -11.02 -9.41 -16.67
CA GLY A 297 -11.36 -10.82 -16.51
C GLY A 297 -10.32 -11.60 -15.72
N ALA A 298 -9.81 -10.99 -14.64
CA ALA A 298 -8.74 -11.61 -13.85
C ALA A 298 -9.27 -12.60 -12.81
N CYS A 299 -10.58 -12.57 -12.58
CA CYS A 299 -11.19 -13.48 -11.63
C CYS A 299 -12.60 -13.83 -12.07
N ASP A 300 -13.15 -14.90 -11.49
CA ASP A 300 -14.53 -15.30 -11.76
C ASP A 300 -15.45 -14.85 -10.66
N ILE A 301 -14.88 -14.64 -9.48
CA ILE A 301 -15.60 -14.19 -8.30
C ILE A 301 -14.75 -13.09 -7.70
N LEU A 302 -15.35 -11.93 -7.42
CA LEU A 302 -14.58 -10.84 -6.83
C LEU A 302 -14.36 -11.07 -5.34
N ARG A 303 -13.39 -10.36 -4.78
CA ARG A 303 -13.16 -10.40 -3.33
C ARG A 303 -13.02 -8.97 -2.80
N THR A 304 -13.53 -8.78 -1.59
CA THR A 304 -13.37 -7.52 -0.86
C THR A 304 -13.22 -7.87 0.60
N GLY A 305 -13.03 -6.86 1.45
CA GLY A 305 -13.03 -7.07 2.88
C GLY A 305 -12.89 -5.71 3.51
N VAL A 306 -13.47 -5.53 4.70
CA VAL A 306 -13.40 -4.23 5.36
C VAL A 306 -11.97 -3.77 5.56
N ASN A 307 -11.12 -4.67 6.03
CA ASN A 307 -9.73 -4.33 6.24
C ASN A 307 -8.95 -4.17 4.95
N ASP A 308 -9.39 -4.87 3.89
CA ASP A 308 -8.60 -4.83 2.66
C ASP A 308 -8.86 -3.61 1.79
N VAL A 309 -10.05 -3.03 1.89
CA VAL A 309 -10.37 -1.89 1.03
C VAL A 309 -10.61 -0.59 1.78
N GLY A 310 -10.40 -0.61 3.10
CA GLY A 310 -10.41 0.63 3.86
C GLY A 310 -11.73 1.02 4.50
N GLY A 311 -12.57 0.03 4.81
CA GLY A 311 -13.76 0.29 5.59
C GLY A 311 -15.03 -0.36 5.09
N ILE A 312 -16.08 -0.23 5.88
CA ILE A 312 -17.41 -0.67 5.48
C ILE A 312 -17.86 0.10 4.24
N THR A 313 -17.64 1.41 4.25
CA THR A 313 -18.08 2.26 3.13
C THR A 313 -17.53 1.79 1.76
N PRO A 314 -16.19 1.65 1.61
CA PRO A 314 -15.72 1.12 0.33
C PRO A 314 -16.01 -0.37 0.11
N ALA A 315 -16.19 -1.16 1.16
CA ALA A 315 -16.56 -2.55 0.96
C ALA A 315 -17.91 -2.62 0.26
N LEU A 316 -18.84 -1.77 0.70
CA LEU A 316 -20.16 -1.72 0.08
C LEU A 316 -20.06 -1.35 -1.39
N LYS A 317 -19.21 -0.37 -1.69
CA LYS A 317 -18.98 0.01 -3.09
C LYS A 317 -18.49 -1.19 -3.92
N THR A 318 -17.56 -1.97 -3.36
N THR A 318 -17.58 -1.98 -3.36
CA THR A 318 -17.05 -3.15 -4.07
CA THR A 318 -17.04 -3.14 -4.06
C THR A 318 -18.16 -4.16 -4.31
C THR A 318 -18.16 -4.17 -4.29
N MET A 319 -19.05 -4.33 -3.31
CA MET A 319 -20.17 -5.25 -3.44
C MET A 319 -21.09 -4.81 -4.57
N HIS A 320 -21.36 -3.51 -4.61
CA HIS A 320 -22.25 -2.96 -5.65
C HIS A 320 -21.63 -3.07 -7.04
N LEU A 321 -20.34 -2.75 -7.12
CA LEU A 321 -19.59 -2.93 -8.36
C LEU A 321 -19.73 -4.37 -8.89
N ALA A 322 -19.49 -5.35 -8.03
CA ALA A 322 -19.61 -6.75 -8.44
C ALA A 322 -21.04 -7.08 -8.89
N GLU A 323 -22.02 -6.64 -8.11
CA GLU A 323 -23.41 -6.92 -8.43
C GLU A 323 -23.79 -6.39 -9.82
N ALA A 324 -23.29 -5.21 -10.18
CA ALA A 324 -23.64 -4.63 -11.47
C ALA A 324 -23.11 -5.47 -12.63
N PHE A 325 -22.04 -6.24 -12.39
CA PHE A 325 -21.55 -7.18 -13.39
C PHE A 325 -22.13 -8.58 -13.22
N GLY A 326 -23.12 -8.71 -12.34
CA GLY A 326 -23.74 -9.99 -12.11
C GLY A 326 -22.81 -10.97 -11.43
N MET A 327 -21.80 -10.44 -10.73
CA MET A 327 -20.81 -11.28 -10.07
C MET A 327 -21.05 -11.36 -8.58
N GLU A 328 -20.55 -12.42 -7.97
CA GLU A 328 -20.47 -12.50 -6.52
C GLU A 328 -19.20 -11.81 -6.04
N CYS A 329 -19.24 -11.31 -4.81
CA CYS A 329 -18.07 -10.69 -4.19
C CYS A 329 -17.97 -11.24 -2.78
N GLU A 330 -17.01 -12.14 -2.55
CA GLU A 330 -16.94 -12.81 -1.26
C GLU A 330 -16.12 -11.96 -0.30
N VAL A 331 -16.62 -11.83 0.93
CA VAL A 331 -16.11 -10.85 1.88
C VAL A 331 -15.06 -11.46 2.82
N HIS A 332 -13.84 -10.93 2.75
CA HIS A 332 -12.75 -11.48 3.55
C HIS A 332 -12.84 -11.01 4.99
N GLY A 333 -12.82 -11.96 5.90
CA GLY A 333 -12.65 -11.64 7.31
C GLY A 333 -13.87 -11.88 8.17
N ASN A 334 -13.62 -12.32 9.40
CA ASN A 334 -14.68 -12.43 10.40
C ASN A 334 -14.85 -11.08 11.11
N THR A 335 -15.55 -11.11 12.25
CA THR A 335 -15.92 -9.93 13.07
C THR A 335 -17.11 -9.14 12.52
N ALA A 336 -17.73 -8.36 13.40
CA ALA A 336 -18.94 -7.60 13.11
C ALA A 336 -18.87 -6.78 11.83
N MET A 337 -17.76 -6.08 11.62
CA MET A 337 -17.67 -5.15 10.51
C MET A 337 -17.91 -5.86 9.18
N ASN A 338 -17.38 -7.07 9.05
CA ASN A 338 -17.58 -7.82 7.81
C ASN A 338 -18.95 -8.47 7.74
N LEU A 339 -19.42 -8.94 8.90
CA LEU A 339 -20.73 -9.57 8.96
C LEU A 339 -21.83 -8.58 8.52
N HIS A 340 -21.69 -7.33 8.93
CA HIS A 340 -22.71 -6.34 8.56
C HIS A 340 -22.71 -6.02 7.06
N VAL A 341 -21.55 -6.04 6.44
CA VAL A 341 -21.48 -5.89 4.98
C VAL A 341 -22.21 -7.07 4.32
N VAL A 342 -21.93 -8.27 4.79
CA VAL A 342 -22.56 -9.47 4.23
C VAL A 342 -24.08 -9.46 4.42
N ALA A 343 -24.53 -8.96 5.56
CA ALA A 343 -25.97 -8.92 5.86
C ALA A 343 -26.70 -7.86 5.03
N ALA A 344 -25.98 -6.83 4.59
CA ALA A 344 -26.58 -5.74 3.83
C ALA A 344 -26.60 -5.98 2.33
N THR A 345 -26.02 -7.09 1.89
CA THR A 345 -25.86 -7.32 0.45
C THR A 345 -26.29 -8.73 0.05
N LYS A 346 -26.58 -8.91 -1.22
CA LYS A 346 -27.13 -10.17 -1.70
C LYS A 346 -26.07 -11.05 -2.35
N ASN A 347 -25.14 -10.42 -3.04
CA ASN A 347 -24.22 -11.12 -3.95
C ASN A 347 -22.95 -11.65 -3.29
N CYS A 348 -23.15 -12.33 -2.17
CA CYS A 348 -22.07 -12.93 -1.40
C CYS A 348 -22.63 -14.25 -0.86
N ARG A 349 -21.97 -15.38 -1.12
CA ARG A 349 -22.50 -16.65 -0.68
C ARG A 349 -22.33 -16.85 0.83
N TRP A 350 -21.27 -16.28 1.40
CA TRP A 350 -20.85 -16.63 2.76
C TRP A 350 -20.37 -15.49 3.65
N TYR A 351 -20.43 -15.74 4.95
CA TYR A 351 -19.61 -15.05 5.94
C TYR A 351 -18.43 -15.97 6.24
N GLU A 352 -17.24 -15.39 6.34
CA GLU A 352 -16.04 -16.16 6.64
C GLU A 352 -15.87 -16.26 8.15
N ARG A 353 -16.06 -17.47 8.69
CA ARG A 353 -16.00 -17.66 10.13
C ARG A 353 -14.73 -18.39 10.50
N GLY A 354 -13.86 -17.70 11.24
CA GLY A 354 -12.57 -18.27 11.58
C GLY A 354 -11.59 -17.15 11.85
N LEU A 355 -10.29 -17.46 11.87
CA LEU A 355 -9.78 -18.78 11.48
C LEU A 355 -9.91 -19.85 12.56
N LEU A 356 -10.09 -21.09 12.12
CA LEU A 356 -10.42 -22.22 12.98
C LEU A 356 -9.28 -23.22 13.06
N HIS A 357 -9.19 -23.91 14.19
CA HIS A 357 -8.14 -24.90 14.40
C HIS A 357 -8.65 -25.90 15.42
N PRO A 358 -8.33 -27.20 15.26
CA PRO A 358 -8.85 -28.17 16.23
C PRO A 358 -8.41 -27.90 17.67
N PHE A 359 -7.30 -27.19 17.88
CA PHE A 359 -6.80 -26.94 19.24
C PHE A 359 -7.55 -25.77 19.91
N LEU A 360 -8.33 -25.02 19.14
CA LEU A 360 -8.97 -23.81 19.66
C LEU A 360 -10.49 -23.90 19.59
N GLU A 361 -11.17 -23.26 20.54
CA GLU A 361 -12.63 -23.15 20.49
C GLU A 361 -13.05 -21.75 20.08
N TYR A 362 -13.40 -21.59 18.81
CA TYR A 362 -13.82 -20.31 18.29
C TYR A 362 -15.03 -19.76 19.05
N ASP A 363 -15.95 -20.65 19.39
CA ASP A 363 -17.23 -20.24 19.97
C ASP A 363 -17.06 -19.67 21.39
N ASP A 364 -15.87 -19.80 21.95
CA ASP A 364 -15.56 -19.25 23.27
C ASP A 364 -15.45 -17.73 23.28
N GLY A 365 -15.18 -17.13 22.12
CA GLY A 365 -15.16 -15.69 22.00
C GLY A 365 -13.88 -15.02 22.45
N HIS A 366 -13.98 -13.74 22.80
CA HIS A 366 -12.82 -12.96 23.23
C HIS A 366 -13.06 -12.44 24.63
N ASP A 367 -11.99 -12.31 25.42
CA ASP A 367 -12.17 -11.85 26.78
C ASP A 367 -12.73 -10.41 26.88
N TYR A 368 -12.53 -9.62 25.83
CA TYR A 368 -12.96 -8.22 25.85
C TYR A 368 -14.35 -7.98 25.25
N LEU A 369 -15.02 -9.05 24.83
CA LEU A 369 -16.40 -8.99 24.36
C LEU A 369 -17.28 -9.88 25.23
N LYS A 370 -18.44 -9.38 25.63
CA LYS A 370 -19.31 -10.11 26.55
C LYS A 370 -20.10 -11.21 25.85
N SER A 371 -20.17 -11.14 24.53
CA SER A 371 -20.80 -12.21 23.76
C SER A 371 -20.29 -12.16 22.33
N LEU A 372 -20.62 -13.20 21.56
CA LEU A 372 -20.15 -13.32 20.20
C LEU A 372 -20.81 -12.34 19.27
N SER A 373 -20.04 -11.83 18.33
CA SER A 373 -20.59 -10.97 17.29
C SER A 373 -21.21 -11.83 16.19
N ASP A 374 -20.81 -13.11 16.15
CA ASP A 374 -21.21 -13.98 15.04
C ASP A 374 -21.64 -15.37 15.47
N PRO A 375 -22.66 -15.46 16.35
CA PRO A 375 -23.08 -16.79 16.81
C PRO A 375 -23.64 -17.58 15.64
N MET A 376 -23.38 -18.89 15.63
CA MET A 376 -23.82 -19.73 14.51
C MET A 376 -24.68 -20.89 15.00
N ASP A 377 -25.84 -21.08 14.37
CA ASP A 377 -26.72 -22.17 14.75
C ASP A 377 -26.20 -23.53 14.27
N ARG A 378 -26.91 -24.59 14.63
CA ARG A 378 -26.46 -25.93 14.29
C ARG A 378 -26.66 -26.27 12.82
N ASP A 379 -27.31 -25.38 12.08
CA ASP A 379 -27.50 -25.57 10.64
C ASP A 379 -26.48 -24.81 9.80
N GLY A 380 -25.61 -24.07 10.47
CA GLY A 380 -24.55 -23.38 9.77
C GLY A 380 -24.88 -21.94 9.36
N PHE A 381 -25.92 -21.36 9.98
CA PHE A 381 -26.25 -19.96 9.75
C PHE A 381 -25.76 -19.09 10.89
N VAL A 382 -25.03 -18.03 10.57
CA VAL A 382 -24.67 -17.02 11.57
C VAL A 382 -25.83 -16.04 11.66
N HIS A 383 -26.25 -15.71 12.88
CA HIS A 383 -27.35 -14.76 13.08
C HIS A 383 -26.80 -13.42 13.53
N VAL A 384 -27.02 -12.38 12.74
CA VAL A 384 -26.53 -11.06 13.11
C VAL A 384 -27.23 -10.59 14.38
N PRO A 385 -26.45 -10.19 15.38
CA PRO A 385 -27.05 -9.67 16.62
C PRO A 385 -27.96 -8.49 16.35
N ASP A 386 -28.97 -8.28 17.19
CA ASP A 386 -29.87 -7.15 16.99
C ASP A 386 -29.43 -5.93 17.81
N ARG A 387 -28.15 -5.90 18.16
CA ARG A 387 -27.57 -4.82 18.93
C ARG A 387 -27.19 -3.64 18.02
N PRO A 388 -27.29 -2.41 18.54
CA PRO A 388 -27.07 -1.22 17.71
C PRO A 388 -25.62 -1.07 17.25
N GLY A 389 -25.40 -0.27 16.21
CA GLY A 389 -24.07 -0.08 15.67
C GLY A 389 -23.54 -1.39 15.09
N LEU A 390 -22.25 -1.64 15.26
CA LEU A 390 -21.67 -2.90 14.84
C LEU A 390 -22.09 -4.04 15.76
N GLY A 391 -22.72 -3.70 16.88
CA GLY A 391 -23.23 -4.71 17.79
C GLY A 391 -22.17 -5.48 18.55
N GLU A 392 -20.96 -4.93 18.62
CA GLU A 392 -19.92 -5.55 19.41
C GLU A 392 -20.23 -5.27 20.88
N ASP A 393 -20.40 -6.35 21.64
CA ASP A 393 -20.85 -6.27 23.04
C ASP A 393 -19.63 -6.05 23.92
N ILE A 394 -19.16 -4.81 23.97
CA ILE A 394 -17.84 -4.52 24.50
C ILE A 394 -17.79 -4.57 26.02
N ASP A 395 -16.81 -5.29 26.53
CA ASP A 395 -16.62 -5.33 27.98
C ASP A 395 -15.70 -4.17 28.33
N PHE A 396 -16.28 -3.00 28.55
CA PHE A 396 -15.50 -1.80 28.83
C PHE A 396 -14.70 -1.93 30.13
N THR A 397 -15.29 -2.63 31.11
CA THR A 397 -14.64 -2.83 32.41
C THR A 397 -13.36 -3.66 32.27
N PHE A 398 -13.42 -4.70 31.45
CA PHE A 398 -12.24 -5.52 31.18
C PHE A 398 -11.14 -4.69 30.53
N ILE A 399 -11.52 -3.92 29.53
CA ILE A 399 -10.55 -3.10 28.83
C ILE A 399 -9.89 -2.14 29.82
N ASP A 400 -10.69 -1.54 30.69
CA ASP A 400 -10.17 -0.59 31.66
C ASP A 400 -9.24 -1.27 32.66
N ASN A 401 -9.57 -2.51 33.05
CA ASN A 401 -8.75 -3.26 34.00
C ASN A 401 -7.46 -3.81 33.39
N ASN A 402 -7.34 -3.74 32.06
CA ASN A 402 -6.20 -4.36 31.38
C ASN A 402 -5.45 -3.39 30.47
N ARG A 403 -5.50 -2.11 30.79
CA ARG A 403 -4.85 -1.09 29.96
C ARG A 403 -3.34 -1.20 29.98
N VAL A 404 -2.72 -0.85 28.86
CA VAL A 404 -1.27 -0.78 28.77
C VAL A 404 -0.80 0.62 29.13
N MET B 24 29.64 -10.62 2.66
CA MET B 24 30.07 -10.61 4.07
C MET B 24 28.84 -10.71 4.94
N ILE B 25 29.01 -11.24 6.15
CA ILE B 25 27.87 -11.47 7.02
C ILE B 25 27.40 -10.16 7.67
N ILE B 26 26.12 -9.87 7.53
CA ILE B 26 25.54 -8.70 8.20
C ILE B 26 25.44 -8.93 9.70
N THR B 27 26.03 -8.03 10.49
CA THR B 27 26.04 -8.18 11.94
C THR B 27 25.15 -7.18 12.68
N ASP B 28 24.85 -6.06 12.05
CA ASP B 28 24.05 -5.03 12.73
C ASP B 28 23.16 -4.27 11.76
N VAL B 29 21.97 -3.90 12.22
CA VAL B 29 21.12 -2.92 11.54
C VAL B 29 20.80 -1.83 12.55
N GLU B 30 21.16 -0.58 12.23
CA GLU B 30 21.05 0.51 13.18
C GLU B 30 20.35 1.72 12.57
N VAL B 31 19.54 2.38 13.36
CA VAL B 31 18.89 3.62 12.94
C VAL B 31 19.33 4.75 13.84
N ARG B 32 19.74 5.86 13.23
CA ARG B 32 20.12 7.06 13.96
C ARG B 32 19.21 8.19 13.55
N VAL B 33 18.46 8.73 14.50
CA VAL B 33 17.56 9.85 14.22
C VAL B 33 18.23 11.16 14.63
N PHE B 34 18.22 12.13 13.73
CA PHE B 34 18.87 13.41 14.01
C PHE B 34 18.04 14.57 13.47
N ARG B 35 18.35 15.78 13.92
CA ARG B 35 17.64 16.96 13.47
C ARG B 35 18.37 17.69 12.34
N THR B 36 17.65 17.95 11.26
CA THR B 36 18.20 18.71 10.15
C THR B 36 17.49 20.07 10.11
N THR B 37 18.22 21.12 9.76
CA THR B 37 17.64 22.46 9.68
C THR B 37 17.27 22.74 8.23
N THR B 38 16.01 23.05 7.99
CA THR B 38 15.51 23.22 6.63
C THR B 38 14.40 24.26 6.59
N ARG B 39 14.16 24.82 5.40
CA ARG B 39 13.02 25.71 5.20
C ARG B 39 11.90 24.99 4.49
N ARG B 40 12.09 23.70 4.22
CA ARG B 40 11.06 22.90 3.59
C ARG B 40 10.02 22.43 4.60
N HIS B 41 8.76 22.64 4.28
CA HIS B 41 7.64 22.15 5.11
C HIS B 41 6.75 21.28 4.24
N SER B 42 5.89 20.48 4.86
CA SER B 42 4.91 19.70 4.11
C SER B 42 3.53 20.04 4.62
N ASP B 43 2.60 20.36 3.72
CA ASP B 43 1.25 20.65 4.16
C ASP B 43 0.54 19.35 4.56
N SER B 44 -0.73 19.46 4.93
CA SER B 44 -1.45 18.32 5.48
C SER B 44 -1.69 17.22 4.44
N ALA B 45 -1.59 17.57 3.16
CA ALA B 45 -1.76 16.58 2.09
C ALA B 45 -0.40 16.03 1.64
N GLY B 46 0.67 16.48 2.29
CA GLY B 46 2.00 15.99 2.00
C GLY B 46 2.80 16.78 0.96
N HIS B 47 2.29 17.93 0.52
CA HIS B 47 3.01 18.71 -0.51
C HIS B 47 4.02 19.66 0.14
N ALA B 48 5.22 19.71 -0.45
CA ALA B 48 6.27 20.56 0.09
C ALA B 48 6.04 22.03 -0.27
N HIS B 49 6.42 22.91 0.64
CA HIS B 49 6.38 24.36 0.44
C HIS B 49 7.52 24.97 1.23
N PRO B 50 7.99 26.16 0.81
CA PRO B 50 8.97 26.86 1.64
C PRO B 50 8.26 27.56 2.79
N GLY B 51 8.89 27.53 3.96
CA GLY B 51 8.35 28.18 5.13
C GLY B 51 9.47 28.61 6.05
N PRO B 52 9.17 28.83 7.33
CA PRO B 52 10.21 29.26 8.27
C PRO B 52 11.30 28.20 8.41
N ALA B 53 12.52 28.63 8.68
CA ALA B 53 13.58 27.68 8.98
C ALA B 53 13.19 26.98 10.28
N HIS B 54 13.32 25.65 10.28
CA HIS B 54 12.98 24.86 11.46
C HIS B 54 13.75 23.55 11.45
N GLN B 55 13.75 22.86 12.59
CA GLN B 55 14.39 21.55 12.65
C GLN B 55 13.39 20.43 12.36
N VAL B 56 13.81 19.47 11.56
CA VAL B 56 12.98 18.32 11.20
C VAL B 56 13.76 17.07 11.56
N GLU B 57 13.09 16.04 12.06
CA GLU B 57 13.76 14.78 12.34
C GLU B 57 13.98 13.99 11.05
N GLN B 58 15.21 13.51 10.87
CA GLN B 58 15.59 12.72 9.71
C GLN B 58 16.21 11.42 10.23
N ALA B 59 16.03 10.31 9.54
CA ALA B 59 16.63 9.06 10.01
C ALA B 59 17.70 8.56 9.04
N MET B 60 18.79 8.02 9.59
CA MET B 60 19.77 7.32 8.78
C MET B 60 19.78 5.85 9.16
N LEU B 61 19.55 4.98 8.17
CA LEU B 61 19.66 3.54 8.38
C LEU B 61 21.07 3.08 8.02
N THR B 62 21.69 2.30 8.90
CA THR B 62 23.00 1.72 8.66
C THR B 62 22.98 0.19 8.73
N VAL B 63 23.54 -0.45 7.71
CA VAL B 63 23.76 -1.90 7.74
C VAL B 63 25.27 -2.12 7.85
N ARG B 64 25.68 -2.95 8.80
CA ARG B 64 27.10 -3.18 9.05
C ARG B 64 27.42 -4.66 8.95
N THR B 65 28.59 -4.98 8.41
CA THR B 65 29.02 -6.37 8.29
C THR B 65 30.12 -6.71 9.29
N GLU B 66 30.48 -7.99 9.32
CA GLU B 66 31.40 -8.54 10.33
C GLU B 66 32.75 -7.82 10.37
N ASP B 67 33.17 -7.27 9.24
CA ASP B 67 34.47 -6.59 9.16
C ASP B 67 34.38 -5.10 9.47
N GLY B 68 33.17 -4.63 9.78
CA GLY B 68 33.00 -3.25 10.19
C GLY B 68 32.55 -2.34 9.08
N GLN B 69 32.48 -2.86 7.86
CA GLN B 69 32.05 -2.06 6.72
C GLN B 69 30.58 -1.70 6.86
N GLU B 70 30.22 -0.50 6.40
CA GLU B 70 28.85 0.00 6.55
C GLU B 70 28.28 0.53 5.25
N GLY B 71 26.95 0.47 5.15
CA GLY B 71 26.22 1.14 4.10
C GLY B 71 25.12 1.94 4.76
N HIS B 72 24.75 3.07 4.16
CA HIS B 72 23.79 3.97 4.78
C HIS B 72 22.74 4.45 3.80
N SER B 73 21.56 4.79 4.31
CA SER B 73 20.58 5.47 3.48
C SER B 73 19.66 6.30 4.37
N PHE B 74 19.04 7.33 3.80
CA PHE B 74 18.22 8.26 4.59
C PHE B 74 16.73 8.11 4.28
N THR B 75 15.91 8.27 5.32
CA THR B 75 14.46 8.25 5.16
C THR B 75 13.78 8.90 6.35
N ALA B 76 12.46 9.02 6.30
CA ALA B 76 11.71 9.56 7.44
C ALA B 76 11.73 8.59 8.60
N PRO B 77 11.82 9.11 9.84
CA PRO B 77 11.90 8.27 11.04
C PRO B 77 10.84 7.17 11.13
N GLU B 78 9.59 7.47 10.74
CA GLU B 78 8.53 6.46 10.91
C GLU B 78 8.78 5.22 10.06
N ILE B 79 9.48 5.40 8.96
CA ILE B 79 9.66 4.33 7.97
C ILE B 79 10.65 3.29 8.49
N VAL B 80 11.50 3.73 9.42
CA VAL B 80 12.50 2.84 10.03
C VAL B 80 12.40 2.85 11.56
N ARG B 81 11.18 3.03 12.08
CA ARG B 81 10.97 3.02 13.52
C ARG B 81 11.20 1.60 14.09
N PRO B 82 11.41 1.50 15.42
CA PRO B 82 11.79 0.21 16.01
C PRO B 82 10.83 -0.94 15.68
N HIS B 83 9.53 -0.67 15.62
CA HIS B 83 8.56 -1.71 15.26
C HIS B 83 8.96 -2.42 13.99
N VAL B 84 9.32 -1.64 12.97
CA VAL B 84 9.59 -2.20 11.65
C VAL B 84 10.97 -2.84 11.62
N ILE B 85 11.92 -2.22 12.29
CA ILE B 85 13.28 -2.77 12.32
C ILE B 85 13.33 -4.11 13.06
N GLU B 86 12.65 -4.18 14.20
CA GLU B 86 12.72 -5.37 15.02
C GLU B 86 11.87 -6.50 14.46
N LYS B 87 10.71 -6.17 13.92
CA LYS B 87 9.75 -7.19 13.54
C LYS B 87 10.08 -7.77 12.17
N PHE B 88 10.67 -6.95 11.33
CA PHE B 88 10.89 -7.33 9.93
C PHE B 88 12.36 -7.26 9.50
N VAL B 89 12.95 -6.07 9.56
CA VAL B 89 14.23 -5.84 8.90
C VAL B 89 15.36 -6.69 9.46
N LYS B 90 15.54 -6.65 10.77
CA LYS B 90 16.60 -7.43 11.40
C LYS B 90 16.43 -8.92 11.17
N LYS B 91 15.19 -9.40 11.25
CA LYS B 91 14.93 -10.82 11.05
C LYS B 91 15.35 -11.30 9.67
N VAL B 92 15.21 -10.43 8.66
CA VAL B 92 15.61 -10.81 7.31
C VAL B 92 17.12 -10.68 7.11
N LEU B 93 17.69 -9.57 7.58
CA LEU B 93 19.08 -9.22 7.26
C LEU B 93 20.15 -9.86 8.13
N ILE B 94 19.95 -9.89 9.45
CA ILE B 94 21.03 -10.29 10.36
C ILE B 94 21.49 -11.73 10.09
N GLY B 95 22.80 -11.89 9.88
CA GLY B 95 23.39 -13.20 9.65
C GLY B 95 23.46 -13.61 8.19
N GLU B 96 23.02 -12.73 7.30
CA GLU B 96 22.98 -13.04 5.88
C GLU B 96 24.12 -12.36 5.12
N ASP B 97 24.50 -12.94 3.98
CA ASP B 97 25.47 -12.37 3.06
C ASP B 97 24.89 -11.08 2.49
N HIS B 98 25.55 -9.95 2.73
CA HIS B 98 25.05 -8.66 2.28
C HIS B 98 24.83 -8.55 0.76
N ARG B 99 25.52 -9.40 0.00
CA ARG B 99 25.47 -9.34 -1.46
C ARG B 99 24.24 -10.02 -2.03
N ASP B 100 23.52 -10.77 -1.22
CA ASP B 100 22.31 -11.45 -1.70
C ASP B 100 21.11 -10.50 -1.72
N ARG B 101 21.26 -9.36 -2.40
CA ARG B 101 20.24 -8.33 -2.42
C ARG B 101 18.90 -8.83 -2.98
N GLU B 102 18.95 -9.68 -4.00
CA GLU B 102 17.72 -10.22 -4.57
C GLU B 102 16.98 -11.12 -3.56
N ARG B 103 17.71 -12.02 -2.90
N ARG B 103 17.72 -12.01 -2.90
CA ARG B 103 17.10 -12.90 -1.93
CA ARG B 103 17.11 -12.90 -1.92
C ARG B 103 16.51 -12.11 -0.76
C ARG B 103 16.52 -12.11 -0.76
N LEU B 104 17.27 -11.13 -0.29
CA LEU B 104 16.84 -10.33 0.85
C LEU B 104 15.63 -9.45 0.52
N TRP B 105 15.63 -8.87 -0.69
CA TRP B 105 14.50 -8.06 -1.12
C TRP B 105 13.24 -8.93 -1.21
N GLN B 106 13.38 -10.11 -1.80
CA GLN B 106 12.23 -10.99 -1.95
C GLN B 106 11.70 -11.45 -0.59
N ASP B 107 12.61 -11.69 0.36
CA ASP B 107 12.21 -12.08 1.72
C ASP B 107 11.34 -11.00 2.35
N LEU B 108 11.76 -9.73 2.22
CA LEU B 108 10.97 -8.63 2.77
C LEU B 108 9.66 -8.51 2.00
N ALA B 109 9.73 -8.61 0.67
CA ALA B 109 8.52 -8.48 -0.14
C ALA B 109 7.43 -9.49 0.26
N HIS B 110 7.84 -10.73 0.55
CA HIS B 110 6.89 -11.77 0.87
C HIS B 110 6.35 -11.67 2.29
N TRP B 111 6.90 -10.74 3.06
CA TRP B 111 6.41 -10.46 4.39
C TRP B 111 5.46 -9.27 4.47
N GLN B 112 5.30 -8.54 3.36
CA GLN B 112 4.46 -7.33 3.36
C GLN B 112 2.99 -7.65 3.57
N ARG B 113 2.49 -8.64 2.84
CA ARG B 113 1.09 -9.03 2.92
C ARG B 113 0.62 -9.26 4.36
N GLY B 114 1.44 -9.93 5.16
CA GLY B 114 1.04 -10.27 6.53
C GLY B 114 1.48 -9.27 7.59
N SER B 115 1.96 -8.10 7.16
CA SER B 115 2.57 -7.14 8.09
C SER B 115 1.60 -6.15 8.74
N ALA B 116 0.29 -6.37 8.57
CA ALA B 116 -0.72 -5.44 9.08
C ALA B 116 -0.47 -4.02 8.55
N ALA B 117 -0.06 -3.96 7.29
CA ALA B 117 0.18 -2.71 6.55
C ALA B 117 1.36 -1.91 7.06
N GLN B 118 2.21 -2.52 7.88
CA GLN B 118 3.33 -1.79 8.47
C GLN B 118 4.65 -1.95 7.73
N LEU B 119 4.83 -3.03 6.97
CA LEU B 119 6.05 -3.19 6.20
C LEU B 119 5.83 -2.64 4.80
N THR B 120 6.20 -1.37 4.60
CA THR B 120 5.82 -0.65 3.39
C THR B 120 6.90 -0.71 2.33
N ASP B 121 6.54 -0.34 1.09
CA ASP B 121 7.55 -0.23 0.05
C ASP B 121 8.63 0.78 0.42
N ARG B 122 8.28 1.81 1.20
CA ARG B 122 9.28 2.79 1.65
C ARG B 122 10.32 2.11 2.52
N THR B 123 9.89 1.17 3.36
CA THR B 123 10.84 0.48 4.22
C THR B 123 11.75 -0.42 3.39
N LEU B 124 11.16 -1.11 2.42
CA LEU B 124 11.96 -1.93 1.50
C LEU B 124 13.00 -1.07 0.77
N ALA B 125 12.59 0.12 0.35
CA ALA B 125 13.47 0.98 -0.42
C ALA B 125 14.71 1.37 0.38
N VAL B 126 14.53 1.80 1.63
CA VAL B 126 15.67 2.30 2.38
C VAL B 126 16.63 1.15 2.71
N VAL B 127 16.08 -0.02 2.97
CA VAL B 127 16.90 -1.19 3.22
C VAL B 127 17.71 -1.57 1.97
N ASP B 128 17.04 -1.70 0.84
CA ASP B 128 17.71 -2.02 -0.41
C ASP B 128 18.80 -1.01 -0.74
N CYS B 129 18.50 0.28 -0.54
CA CYS B 129 19.50 1.32 -0.81
C CYS B 129 20.73 1.20 0.10
N ALA B 130 20.52 0.95 1.38
CA ALA B 130 21.63 0.75 2.31
C ALA B 130 22.49 -0.44 1.90
N LEU B 131 21.85 -1.49 1.38
CA LEU B 131 22.59 -2.68 0.95
C LEU B 131 23.44 -2.39 -0.29
N TRP B 132 22.88 -1.63 -1.22
CA TRP B 132 23.65 -1.22 -2.38
C TRP B 132 24.83 -0.32 -1.96
N ASP B 133 24.57 0.61 -1.05
CA ASP B 133 25.63 1.51 -0.57
C ASP B 133 26.73 0.71 0.10
N LEU B 134 26.33 -0.27 0.90
CA LEU B 134 27.29 -1.15 1.55
C LEU B 134 28.18 -1.87 0.54
N ALA B 135 27.59 -2.43 -0.52
CA ALA B 135 28.36 -3.16 -1.52
C ALA B 135 29.33 -2.24 -2.23
N GLY B 136 28.87 -1.04 -2.56
CA GLY B 136 29.72 -0.08 -3.24
C GLY B 136 30.86 0.43 -2.37
N ARG B 137 30.54 0.81 -1.15
CA ARG B 137 31.57 1.24 -0.21
C ARG B 137 32.60 0.14 0.06
N SER B 138 32.14 -1.10 0.21
CA SER B 138 33.04 -2.23 0.44
C SER B 138 34.04 -2.40 -0.69
N LEU B 139 33.59 -2.15 -1.91
CA LEU B 139 34.39 -2.43 -3.11
C LEU B 139 35.06 -1.18 -3.66
N GLY B 140 34.72 -0.02 -3.08
CA GLY B 140 35.27 1.25 -3.54
C GLY B 140 34.72 1.62 -4.91
N GLN B 141 33.46 1.29 -5.14
CA GLN B 141 32.82 1.49 -6.44
C GLN B 141 31.52 2.27 -6.32
N PRO B 142 31.28 3.24 -7.22
CA PRO B 142 29.96 3.89 -7.26
C PRO B 142 28.90 2.87 -7.64
N VAL B 143 27.70 3.02 -7.08
CA VAL B 143 26.65 2.03 -7.33
C VAL B 143 26.33 1.86 -8.82
N TYR B 144 26.23 2.97 -9.56
CA TYR B 144 25.87 2.82 -10.97
C TYR B 144 26.94 2.10 -11.78
N LYS B 145 28.19 2.21 -11.35
CA LYS B 145 29.28 1.44 -11.99
C LYS B 145 29.21 -0.06 -11.66
N LEU B 146 28.78 -0.41 -10.45
CA LEU B 146 28.60 -1.79 -10.07
C LEU B 146 27.45 -2.41 -10.86
N ILE B 147 26.39 -1.62 -11.03
CA ILE B 147 25.23 -2.08 -11.79
C ILE B 147 25.65 -2.31 -13.24
N GLY B 148 26.44 -1.38 -13.78
CA GLY B 148 26.84 -1.40 -15.16
C GLY B 148 26.49 -0.03 -15.73
N GLY B 149 27.49 0.81 -15.94
CA GLY B 149 27.25 2.19 -16.28
C GLY B 149 26.71 2.45 -17.67
N TYR B 150 25.79 3.40 -17.79
CA TYR B 150 25.37 3.87 -19.11
C TYR B 150 25.88 5.29 -19.38
N ARG B 151 25.76 6.16 -18.40
CA ARG B 151 26.16 7.56 -18.55
C ARG B 151 26.66 8.16 -17.24
N ASP B 152 27.72 8.97 -17.30
CA ASP B 152 28.28 9.62 -16.12
C ASP B 152 27.66 10.98 -15.84
N LYS B 153 26.94 11.51 -16.83
CA LYS B 153 26.20 12.76 -16.64
C LYS B 153 24.86 12.61 -17.31
N VAL B 154 23.88 13.40 -16.87
CA VAL B 154 22.54 13.26 -17.41
C VAL B 154 21.80 14.59 -17.28
N LEU B 155 21.01 14.91 -18.30
CA LEU B 155 20.19 16.12 -18.26
C LEU B 155 19.23 16.06 -17.10
N ALA B 156 19.06 17.18 -16.41
CA ALA B 156 18.06 17.26 -15.35
C ALA B 156 16.95 18.20 -15.79
N TYR B 157 15.71 17.94 -15.39
CA TYR B 157 14.69 18.99 -15.47
C TYR B 157 14.51 19.63 -14.11
N GLY B 158 14.15 20.92 -14.11
CA GLY B 158 13.90 21.64 -12.88
C GLY B 158 12.49 21.31 -12.46
N SER B 159 12.35 20.60 -11.34
CA SER B 159 11.04 20.14 -10.89
C SER B 159 10.52 21.14 -9.86
N ILE B 160 9.51 21.90 -10.25
CA ILE B 160 9.03 23.03 -9.45
C ILE B 160 8.08 22.57 -8.35
N MET B 161 8.24 23.11 -7.14
CA MET B 161 7.30 22.79 -6.05
C MET B 161 5.85 23.04 -6.41
N CYS B 162 4.96 22.35 -5.69
CA CYS B 162 3.53 22.62 -5.79
C CYS B 162 3.23 24.11 -5.55
N GLY B 163 2.17 24.58 -6.20
CA GLY B 163 1.75 25.96 -6.06
C GLY B 163 1.44 26.33 -4.62
N ASP B 164 1.52 27.63 -4.34
CA ASP B 164 1.23 28.14 -3.01
C ASP B 164 0.43 29.44 -3.10
N GLU B 165 0.34 30.15 -1.98
CA GLU B 165 -0.34 31.43 -1.96
C GLU B 165 0.64 32.47 -1.38
N LEU B 166 1.93 32.23 -1.64
CA LEU B 166 2.98 33.15 -1.17
C LEU B 166 3.27 34.22 -2.23
N GLU B 167 3.11 35.48 -1.85
CA GLU B 167 3.35 36.58 -2.77
C GLU B 167 4.76 36.52 -3.35
N GLY B 168 4.85 36.49 -4.69
CA GLY B 168 6.14 36.40 -5.37
C GLY B 168 6.71 34.99 -5.41
N GLY B 169 6.02 34.04 -4.78
CA GLY B 169 6.44 32.66 -4.74
C GLY B 169 5.93 31.88 -5.93
N LEU B 170 4.89 31.07 -5.70
CA LEU B 170 4.21 30.37 -6.78
C LEU B 170 2.70 30.58 -6.64
N ALA B 171 2.30 31.84 -6.48
CA ALA B 171 0.91 32.17 -6.18
C ALA B 171 0.08 32.43 -7.44
N THR B 172 0.74 32.90 -8.50
CA THR B 172 0.05 33.31 -9.72
C THR B 172 0.65 32.61 -10.93
N PRO B 173 -0.08 32.58 -12.05
CA PRO B 173 0.53 32.09 -13.28
C PRO B 173 1.81 32.84 -13.65
N GLU B 174 1.82 34.16 -13.48
CA GLU B 174 3.03 34.93 -13.78
C GLU B 174 4.22 34.53 -12.91
N ASP B 175 3.96 34.13 -11.67
CA ASP B 175 5.04 33.66 -10.78
C ASP B 175 5.74 32.44 -11.35
N TYR B 176 5.00 31.55 -12.00
CA TYR B 176 5.62 30.36 -12.58
C TYR B 176 6.48 30.78 -13.76
N GLY B 177 5.95 31.72 -14.55
CA GLY B 177 6.67 32.22 -15.70
C GLY B 177 7.99 32.85 -15.30
N ARG B 178 7.98 33.65 -14.25
CA ARG B 178 9.21 34.32 -13.82
C ARG B 178 10.22 33.31 -13.29
N PHE B 179 9.75 32.35 -12.51
CA PHE B 179 10.65 31.34 -11.97
C PHE B 179 11.26 30.52 -13.11
N ALA B 180 10.43 30.19 -14.10
CA ALA B 180 10.92 29.43 -15.26
C ALA B 180 12.10 30.14 -15.96
N GLU B 181 12.02 31.47 -16.10
CA GLU B 181 13.10 32.25 -16.69
C GLU B 181 14.39 32.03 -15.91
N THR B 182 14.28 32.06 -14.59
CA THR B 182 15.42 31.83 -13.72
C THR B 182 16.01 30.43 -13.93
N LEU B 183 15.14 29.43 -14.04
CA LEU B 183 15.60 28.06 -14.26
C LEU B 183 16.34 27.91 -15.59
N VAL B 184 15.85 28.57 -16.64
CA VAL B 184 16.52 28.51 -17.92
C VAL B 184 17.91 29.13 -17.83
N LYS B 185 18.02 30.27 -17.17
CA LYS B 185 19.31 30.90 -16.95
C LYS B 185 20.28 29.99 -16.20
N ARG B 186 19.75 29.21 -15.26
CA ARG B 186 20.58 28.29 -14.47
C ARG B 186 21.18 27.19 -15.35
N GLY B 187 20.48 26.86 -16.43
CA GLY B 187 20.95 25.84 -17.36
C GLY B 187 20.00 24.69 -17.63
N TYR B 188 18.89 24.62 -16.88
CA TYR B 188 17.91 23.54 -17.12
C TYR B 188 17.40 23.56 -18.55
N LYS B 189 17.40 22.39 -19.20
CA LYS B 189 16.88 22.27 -20.57
C LYS B 189 15.44 21.80 -20.56
N GLY B 190 14.96 21.42 -19.38
CA GLY B 190 13.58 20.98 -19.20
C GLY B 190 13.07 21.52 -17.89
N ILE B 191 11.77 21.77 -17.80
CA ILE B 191 11.14 22.29 -16.60
C ILE B 191 9.81 21.58 -16.35
N LYS B 192 9.56 21.13 -15.12
CA LYS B 192 8.28 20.53 -14.81
C LYS B 192 7.52 21.34 -13.76
N LEU B 193 6.32 21.80 -14.10
CA LEU B 193 5.46 22.47 -13.13
C LEU B 193 4.74 21.44 -12.27
N HIS B 194 4.73 21.66 -10.96
CA HIS B 194 3.65 21.13 -10.14
C HIS B 194 2.75 22.32 -9.88
N THR B 195 1.47 22.18 -10.19
CA THR B 195 0.54 23.30 -10.04
C THR B 195 -0.18 23.26 -8.69
N TRP B 196 -1.31 23.96 -8.55
CA TRP B 196 -1.90 24.18 -7.24
C TRP B 196 -2.79 23.02 -6.78
N MET B 197 -2.68 22.67 -5.50
CA MET B 197 -3.43 21.55 -4.93
C MET B 197 -3.92 21.93 -3.52
N PRO B 198 -5.05 21.33 -3.08
CA PRO B 198 -5.42 21.48 -1.66
C PRO B 198 -4.22 21.12 -0.78
N PRO B 199 -4.04 21.82 0.35
CA PRO B 199 -4.97 22.78 0.94
C PRO B 199 -4.81 24.24 0.49
N VAL B 200 -4.22 24.50 -0.67
CA VAL B 200 -4.34 25.84 -1.24
C VAL B 200 -5.83 26.17 -1.32
N SER B 201 -6.22 27.31 -0.75
CA SER B 201 -7.62 27.59 -0.45
C SER B 201 -8.58 27.39 -1.64
N TRP B 202 -8.18 27.88 -2.82
CA TRP B 202 -9.06 27.86 -3.97
C TRP B 202 -8.86 26.66 -4.89
N ALA B 203 -7.85 25.85 -4.58
CA ALA B 203 -7.43 24.76 -5.47
C ALA B 203 -8.38 23.55 -5.39
N PRO B 204 -8.44 22.74 -6.46
CA PRO B 204 -7.73 22.91 -7.74
C PRO B 204 -8.61 23.60 -8.76
N ASP B 205 -7.99 24.05 -9.85
CA ASP B 205 -8.70 24.70 -10.94
C ASP B 205 -7.92 24.51 -12.23
N VAL B 206 -8.52 23.80 -13.19
CA VAL B 206 -7.88 23.52 -14.46
C VAL B 206 -7.45 24.76 -15.23
N LYS B 207 -8.31 25.78 -15.24
CA LYS B 207 -8.00 26.99 -15.97
C LYS B 207 -6.78 27.73 -15.41
N MET B 208 -6.64 27.73 -14.08
CA MET B 208 -5.45 28.33 -13.46
C MET B 208 -4.20 27.52 -13.81
N ASP B 209 -4.33 26.20 -13.76
CA ASP B 209 -3.19 25.33 -14.09
C ASP B 209 -2.73 25.66 -15.52
N LEU B 210 -3.69 25.78 -16.43
CA LEU B 210 -3.36 26.05 -17.83
C LEU B 210 -2.76 27.45 -18.00
N LYS B 211 -3.24 28.43 -17.22
CA LYS B 211 -2.65 29.77 -17.28
C LYS B 211 -1.18 29.74 -16.87
N ALA B 212 -0.87 28.94 -15.86
CA ALA B 212 0.52 28.81 -15.40
C ALA B 212 1.35 28.19 -16.51
N CYS B 213 0.82 27.14 -17.14
CA CYS B 213 1.54 26.47 -18.23
C CYS B 213 1.80 27.43 -19.41
N ALA B 214 0.81 28.25 -19.72
CA ALA B 214 0.93 29.23 -20.80
C ALA B 214 1.96 30.30 -20.47
N ALA B 215 1.96 30.74 -19.22
CA ALA B 215 2.91 31.75 -18.78
C ALA B 215 4.34 31.23 -18.91
N VAL B 216 4.54 29.97 -18.53
CA VAL B 216 5.86 29.37 -18.65
C VAL B 216 6.29 29.24 -20.11
N ARG B 217 5.41 28.72 -20.97
CA ARG B 217 5.74 28.61 -22.39
C ARG B 217 6.08 29.97 -23.00
N GLU B 218 5.32 30.99 -22.65
CA GLU B 218 5.58 32.33 -23.17
C GLU B 218 6.95 32.82 -22.72
N ALA B 219 7.32 32.47 -21.48
CA ALA B 219 8.56 32.95 -20.88
C ALA B 219 9.81 32.28 -21.43
N VAL B 220 9.72 31.00 -21.76
CA VAL B 220 10.92 30.24 -22.12
C VAL B 220 11.05 29.99 -23.62
N GLY B 221 9.96 30.20 -24.36
CA GLY B 221 9.95 29.92 -25.79
C GLY B 221 9.78 28.44 -26.08
N PRO B 222 9.82 28.08 -27.38
CA PRO B 222 9.46 26.72 -27.85
C PRO B 222 10.55 25.66 -27.71
N ASP B 223 11.78 26.06 -27.39
CA ASP B 223 12.92 25.11 -27.37
C ASP B 223 13.35 24.61 -25.99
N ILE B 224 12.56 24.92 -24.97
CA ILE B 224 12.74 24.34 -23.67
C ILE B 224 11.64 23.29 -23.51
N ARG B 225 12.00 22.11 -22.97
CA ARG B 225 11.00 21.06 -22.80
C ARG B 225 10.17 21.33 -21.54
N LEU B 226 8.85 21.23 -21.67
CA LEU B 226 7.93 21.54 -20.59
C LEU B 226 7.01 20.36 -20.21
N MET B 227 6.87 20.14 -18.92
CA MET B 227 6.03 19.05 -18.42
C MET B 227 5.17 19.59 -17.29
N ILE B 228 4.02 18.96 -17.04
CA ILE B 228 3.21 19.34 -15.88
C ILE B 228 2.78 18.11 -15.10
N ASP B 229 2.79 18.25 -13.78
CA ASP B 229 2.38 17.23 -12.83
C ASP B 229 1.33 17.91 -11.97
N ALA B 230 0.06 17.61 -12.23
CA ALA B 230 -1.03 18.41 -11.71
C ALA B 230 -1.67 17.80 -10.48
N PHE B 231 -2.65 18.49 -9.90
CA PHE B 231 -3.52 17.91 -8.88
C PHE B 231 -3.85 16.47 -9.23
N HIS B 232 -3.63 15.56 -8.28
CA HIS B 232 -3.58 14.12 -8.59
C HIS B 232 -4.91 13.39 -8.54
N TRP B 233 -6.00 14.13 -8.40
CA TRP B 233 -7.31 13.51 -8.26
C TRP B 233 -8.39 14.19 -9.11
N TYR B 234 -8.01 14.81 -10.22
CA TYR B 234 -9.01 15.38 -11.12
C TYR B 234 -9.88 14.27 -11.69
N SER B 235 -11.15 14.59 -11.93
CA SER B 235 -12.05 13.72 -12.67
C SER B 235 -11.53 13.50 -14.10
N ARG B 236 -12.05 12.48 -14.78
CA ARG B 236 -11.73 12.25 -16.18
C ARG B 236 -11.97 13.50 -17.01
N THR B 237 -13.12 14.14 -16.82
CA THR B 237 -13.50 15.30 -17.63
C THR B 237 -12.56 16.49 -17.42
N ASP B 238 -12.12 16.70 -16.17
CA ASP B 238 -11.17 17.79 -15.87
C ASP B 238 -9.77 17.51 -16.43
N ALA B 239 -9.28 16.29 -16.24
CA ALA B 239 -7.98 15.90 -16.79
C ALA B 239 -7.98 15.97 -18.32
N LEU B 240 -9.10 15.63 -18.94
CA LEU B 240 -9.23 15.76 -20.38
C LEU B 240 -9.09 17.23 -20.81
N ALA B 241 -9.81 18.11 -20.13
CA ALA B 241 -9.71 19.55 -20.42
C ALA B 241 -8.29 20.07 -20.19
N LEU B 242 -7.66 19.62 -19.12
CA LEU B 242 -6.26 19.99 -18.85
C LEU B 242 -5.36 19.54 -20.00
N GLY B 243 -5.45 18.26 -20.37
CA GLY B 243 -4.62 17.73 -21.43
C GLY B 243 -4.80 18.43 -22.78
N ARG B 244 -6.03 18.79 -23.11
N ARG B 244 -6.04 18.78 -23.11
CA ARG B 244 -6.30 19.47 -24.37
CA ARG B 244 -6.32 19.48 -24.37
C ARG B 244 -5.64 20.85 -24.40
C ARG B 244 -5.65 20.85 -24.40
N GLY B 245 -5.64 21.52 -23.25
CA GLY B 245 -5.03 22.82 -23.15
C GLY B 245 -3.52 22.73 -23.30
N LEU B 246 -2.93 21.67 -22.76
CA LEU B 246 -1.49 21.45 -22.83
C LEU B 246 -1.02 21.20 -24.26
N GLU B 247 -1.87 20.60 -25.08
CA GLU B 247 -1.49 20.29 -26.44
C GLU B 247 -1.28 21.57 -27.23
N LYS B 248 -2.06 22.59 -26.92
CA LYS B 248 -1.93 23.87 -27.62
C LYS B 248 -0.63 24.60 -27.23
N LEU B 249 -0.03 24.20 -26.09
CA LEU B 249 1.22 24.79 -25.61
C LEU B 249 2.45 23.92 -25.87
N GLY B 250 2.28 22.84 -26.63
CA GLY B 250 3.38 21.97 -26.98
C GLY B 250 4.09 21.31 -25.81
N PHE B 251 3.36 21.03 -24.73
CA PHE B 251 3.97 20.35 -23.60
C PHE B 251 4.39 18.92 -23.94
N ASP B 252 5.41 18.42 -23.27
N ASP B 252 5.45 18.45 -23.30
CA ASP B 252 5.97 17.11 -23.62
CA ASP B 252 6.00 17.12 -23.54
C ASP B 252 5.36 15.94 -22.84
C ASP B 252 5.16 16.02 -22.94
N TRP B 253 4.78 16.21 -21.69
CA TRP B 253 3.98 15.22 -20.99
C TRP B 253 3.05 15.79 -19.96
N ILE B 254 1.99 15.03 -19.68
CA ILE B 254 1.12 15.29 -18.55
C ILE B 254 1.31 14.13 -17.57
N GLU B 255 1.45 14.48 -16.29
CA GLU B 255 1.78 13.51 -15.25
C GLU B 255 0.73 13.51 -14.14
N GLU B 256 0.29 12.30 -13.78
CA GLU B 256 -0.61 12.07 -12.63
C GLU B 256 -1.73 13.09 -12.39
N PRO B 257 -2.58 13.35 -13.41
CA PRO B 257 -3.67 14.28 -13.17
C PRO B 257 -4.90 13.60 -12.58
N MET B 258 -4.88 12.26 -12.47
CA MET B 258 -6.03 11.52 -11.95
C MET B 258 -5.58 10.47 -10.92
N ASP B 259 -6.53 9.96 -10.14
CA ASP B 259 -6.21 8.95 -9.15
C ASP B 259 -5.64 7.71 -9.84
N GLU B 260 -4.38 7.42 -9.60
CA GLU B 260 -3.71 6.28 -10.26
C GLU B 260 -4.26 4.92 -9.84
N GLN B 261 -5.13 4.90 -8.84
CA GLN B 261 -5.78 3.65 -8.50
C GLN B 261 -6.74 3.20 -9.61
N SER B 262 -7.06 4.13 -10.52
CA SER B 262 -7.92 3.80 -11.66
C SER B 262 -7.11 3.65 -12.94
N LEU B 263 -6.57 2.46 -13.17
CA LEU B 263 -5.90 2.13 -14.41
C LEU B 263 -6.79 2.44 -15.63
N SER B 264 -8.08 2.12 -15.54
CA SER B 264 -8.97 2.32 -16.68
C SER B 264 -9.10 3.79 -17.06
N SER B 265 -9.06 4.67 -16.07
CA SER B 265 -9.15 6.11 -16.35
C SER B 265 -7.94 6.55 -17.17
N TYR B 266 -6.78 5.97 -16.86
CA TYR B 266 -5.54 6.31 -17.56
C TYR B 266 -5.52 5.77 -18.98
N LYS B 267 -6.04 4.55 -19.18
CA LYS B 267 -6.22 4.04 -20.54
C LYS B 267 -7.12 4.99 -21.35
N TRP B 268 -8.24 5.40 -20.76
CA TRP B 268 -9.16 6.33 -21.42
C TRP B 268 -8.47 7.66 -21.72
N LEU B 269 -7.75 8.22 -20.74
CA LEU B 269 -7.15 9.53 -20.96
C LEU B 269 -6.07 9.47 -22.05
N SER B 270 -5.20 8.47 -21.97
CA SER B 270 -4.17 8.28 -22.99
C SER B 270 -4.76 8.12 -24.37
N ASP B 271 -5.81 7.31 -24.48
CA ASP B 271 -6.46 7.13 -25.78
C ASP B 271 -7.03 8.43 -26.33
N ASN B 272 -7.47 9.30 -25.43
CA ASN B 272 -8.09 10.54 -25.87
C ASN B 272 -7.08 11.65 -26.21
N LEU B 273 -6.03 11.75 -25.42
CA LEU B 273 -5.03 12.82 -25.55
C LEU B 273 -3.93 12.48 -26.55
N ASP B 274 -3.52 13.49 -27.31
CA ASP B 274 -2.33 13.38 -28.15
C ASP B 274 -1.06 13.49 -27.31
N ILE B 275 -1.07 14.40 -26.33
CA ILE B 275 0.09 14.58 -25.47
C ILE B 275 0.41 13.31 -24.68
N PRO B 276 1.69 12.96 -24.58
CA PRO B 276 2.07 11.76 -23.82
C PRO B 276 1.67 11.83 -22.34
N VAL B 277 1.08 10.74 -21.85
CA VAL B 277 0.75 10.56 -20.45
C VAL B 277 1.83 9.72 -19.80
N VAL B 278 2.36 10.19 -18.68
CA VAL B 278 3.41 9.44 -17.98
C VAL B 278 2.86 8.91 -16.64
N GLY B 279 3.16 7.65 -16.33
CA GLY B 279 2.73 7.05 -15.07
C GLY B 279 3.01 5.56 -15.06
N PRO B 280 2.71 4.87 -13.94
CA PRO B 280 2.15 5.46 -12.74
C PRO B 280 3.24 5.81 -11.75
N GLU B 281 3.14 6.96 -11.07
CA GLU B 281 4.16 7.29 -10.10
C GLU B 281 3.88 6.67 -8.74
N SER B 282 2.66 6.84 -8.24
CA SER B 282 2.38 6.52 -6.84
C SER B 282 1.69 5.18 -6.62
N ALA B 283 1.19 4.57 -7.68
CA ALA B 283 0.50 3.30 -7.56
C ALA B 283 1.39 2.23 -6.92
N ALA B 284 0.77 1.40 -6.09
CA ALA B 284 1.45 0.27 -5.46
C ALA B 284 1.74 -0.83 -6.47
N GLY B 285 2.33 -1.93 -6.00
CA GLY B 285 2.52 -3.10 -6.84
C GLY B 285 3.85 -3.15 -7.59
N LYS B 286 4.73 -2.17 -7.34
CA LYS B 286 6.11 -2.22 -7.86
C LYS B 286 6.16 -2.45 -9.37
N HIS B 287 7.10 -3.29 -9.82
CA HIS B 287 7.26 -3.53 -11.24
C HIS B 287 6.12 -4.39 -11.78
N TRP B 288 5.53 -5.22 -10.93
CA TRP B 288 4.43 -6.08 -11.36
C TRP B 288 3.27 -5.23 -11.84
N HIS B 289 2.90 -4.23 -11.04
CA HIS B 289 1.73 -3.44 -11.42
C HIS B 289 2.06 -2.52 -12.59
N ARG B 290 3.31 -2.10 -12.69
CA ARG B 290 3.73 -1.29 -13.82
C ARG B 290 3.70 -2.05 -15.14
N ALA B 291 3.92 -3.35 -15.08
CA ALA B 291 3.72 -4.18 -16.27
C ALA B 291 2.27 -4.09 -16.75
N GLU B 292 1.33 -3.99 -15.80
CA GLU B 292 -0.08 -3.93 -16.16
C GLU B 292 -0.40 -2.64 -16.89
N TRP B 293 0.30 -1.57 -16.52
CA TRP B 293 0.12 -0.29 -17.21
C TRP B 293 0.60 -0.37 -18.65
N ILE B 294 1.69 -1.07 -18.89
CA ILE B 294 2.13 -1.29 -20.27
C ILE B 294 1.12 -2.16 -21.04
N LYS B 295 0.73 -3.28 -20.44
CA LYS B 295 -0.14 -4.25 -21.10
C LYS B 295 -1.47 -3.62 -21.52
N ALA B 296 -2.00 -2.76 -20.65
CA ALA B 296 -3.32 -2.17 -20.89
C ALA B 296 -3.24 -0.89 -21.72
N GLY B 297 -2.03 -0.42 -22.01
CA GLY B 297 -1.88 0.87 -22.69
C GLY B 297 -2.36 2.06 -21.87
N ALA B 298 -2.06 2.05 -20.57
CA ALA B 298 -2.57 3.09 -19.67
C ALA B 298 -1.69 4.34 -19.69
N CYS B 299 -0.51 4.24 -20.30
CA CYS B 299 0.38 5.38 -20.36
C CYS B 299 1.24 5.29 -21.61
N ASP B 300 1.85 6.42 -21.99
CA ASP B 300 2.75 6.46 -23.14
C ASP B 300 4.20 6.41 -22.71
N ILE B 301 4.43 6.79 -21.46
CA ILE B 301 5.76 6.79 -20.87
C ILE B 301 5.59 6.20 -19.48
N LEU B 302 6.40 5.20 -19.13
CA LEU B 302 6.27 4.59 -17.80
C LEU B 302 6.91 5.47 -16.73
N ARG B 303 6.55 5.23 -15.47
CA ARG B 303 7.20 5.93 -14.37
C ARG B 303 7.61 4.94 -13.31
N THR B 304 8.76 5.18 -12.71
CA THR B 304 9.22 4.41 -11.56
C THR B 304 9.89 5.38 -10.60
N GLY B 305 10.36 4.86 -9.47
CA GLY B 305 11.13 5.67 -8.53
C GLY B 305 11.58 4.75 -7.42
N VAL B 306 12.75 5.04 -6.86
CA VAL B 306 13.28 4.17 -5.81
C VAL B 306 12.31 4.05 -4.63
N ASN B 307 11.75 5.17 -4.21
CA ASN B 307 10.81 5.14 -3.10
C ASN B 307 9.47 4.57 -3.49
N ASP B 308 9.11 4.67 -4.77
CA ASP B 308 7.79 4.22 -5.19
C ASP B 308 7.66 2.72 -5.42
N VAL B 309 8.75 2.06 -5.78
CA VAL B 309 8.67 0.63 -6.08
C VAL B 309 9.51 -0.22 -5.13
N GLY B 310 10.07 0.40 -4.10
CA GLY B 310 10.70 -0.37 -3.04
C GLY B 310 12.19 -0.60 -3.17
N GLY B 311 12.91 0.28 -3.86
CA GLY B 311 14.37 0.18 -3.88
C GLY B 311 15.02 0.35 -5.23
N ILE B 312 16.34 0.40 -5.22
CA ILE B 312 17.11 0.44 -6.46
C ILE B 312 16.87 -0.83 -7.26
N THR B 313 16.87 -1.97 -6.56
CA THR B 313 16.70 -3.25 -7.23
C THR B 313 15.40 -3.32 -8.07
N PRO B 314 14.23 -3.09 -7.46
CA PRO B 314 13.04 -3.12 -8.32
C PRO B 314 12.92 -1.93 -9.29
N ALA B 315 13.55 -0.80 -8.99
CA ALA B 315 13.53 0.31 -9.94
C ALA B 315 14.22 -0.13 -11.22
N LEU B 316 15.34 -0.83 -11.09
CA LEU B 316 16.06 -1.32 -12.25
C LEU B 316 15.19 -2.29 -13.05
N LYS B 317 14.46 -3.16 -12.36
CA LYS B 317 13.53 -4.06 -13.02
C LYS B 317 12.49 -3.29 -13.84
N THR B 318 11.95 -2.22 -13.28
N THR B 318 11.98 -2.21 -13.28
CA THR B 318 10.97 -1.41 -14.00
CA THR B 318 10.98 -1.40 -13.97
C THR B 318 11.61 -0.78 -15.24
C THR B 318 11.59 -0.74 -15.21
N MET B 319 12.84 -0.31 -15.11
CA MET B 319 13.55 0.28 -16.25
C MET B 319 13.71 -0.73 -17.38
N HIS B 320 14.08 -1.95 -17.01
CA HIS B 320 14.29 -3.02 -17.97
C HIS B 320 12.97 -3.45 -18.63
N LEU B 321 11.93 -3.57 -17.82
CA LEU B 321 10.58 -3.83 -18.32
C LEU B 321 10.20 -2.81 -19.41
N ALA B 322 10.34 -1.52 -19.09
CA ALA B 322 10.00 -0.48 -20.04
C ALA B 322 10.85 -0.58 -21.30
N GLU B 323 12.16 -0.80 -21.14
CA GLU B 323 13.06 -0.89 -22.28
C GLU B 323 12.64 -1.99 -23.26
N ALA B 324 12.21 -3.12 -22.71
CA ALA B 324 11.82 -4.25 -23.56
C ALA B 324 10.61 -3.92 -24.43
N PHE B 325 9.78 -2.97 -23.99
CA PHE B 325 8.66 -2.50 -24.80
C PHE B 325 9.04 -1.28 -25.63
N GLY B 326 10.31 -0.92 -25.62
CA GLY B 326 10.78 0.23 -26.37
C GLY B 326 10.26 1.53 -25.79
N MET B 327 9.91 1.50 -24.51
CA MET B 327 9.38 2.69 -23.83
C MET B 327 10.43 3.36 -22.96
N GLU B 328 10.24 4.65 -22.72
CA GLU B 328 10.99 5.33 -21.68
C GLU B 328 10.33 5.14 -20.32
N CYS B 329 11.12 5.26 -19.26
CA CYS B 329 10.59 5.13 -17.91
C CYS B 329 11.26 6.23 -17.09
N GLU B 330 10.49 7.28 -16.77
CA GLU B 330 11.07 8.44 -16.10
C GLU B 330 11.10 8.18 -14.61
N VAL B 331 12.23 8.53 -13.99
CA VAL B 331 12.49 8.12 -12.63
C VAL B 331 12.12 9.21 -11.66
N HIS B 332 11.17 8.92 -10.78
CA HIS B 332 10.68 9.92 -9.84
C HIS B 332 11.62 10.11 -8.67
N GLY B 333 11.96 11.37 -8.42
CA GLY B 333 12.66 11.74 -7.21
C GLY B 333 14.11 12.15 -7.40
N ASN B 334 14.54 13.12 -6.61
CA ASN B 334 15.96 13.47 -6.56
C ASN B 334 16.70 12.55 -5.58
N THR B 335 17.92 12.95 -5.23
CA THR B 335 18.88 12.20 -4.38
C THR B 335 19.64 11.08 -5.11
N ALA B 336 20.77 10.70 -4.50
CA ALA B 336 21.69 9.72 -5.05
C ALA B 336 21.03 8.45 -5.53
N MET B 337 20.12 7.89 -4.73
CA MET B 337 19.53 6.60 -5.06
C MET B 337 18.87 6.61 -6.43
N ASN B 338 18.19 7.72 -6.76
CA ASN B 338 17.53 7.79 -8.06
C ASN B 338 18.51 8.15 -9.17
N LEU B 339 19.48 9.01 -8.85
CA LEU B 339 20.48 9.40 -9.82
C LEU B 339 21.26 8.18 -10.33
N HIS B 340 21.57 7.26 -9.43
CA HIS B 340 22.32 6.07 -9.83
C HIS B 340 21.52 5.15 -10.73
N VAL B 341 20.20 5.08 -10.51
CA VAL B 341 19.34 4.31 -11.39
C VAL B 341 19.35 4.96 -12.79
N VAL B 342 19.25 6.28 -12.81
CA VAL B 342 19.26 7.01 -14.08
C VAL B 342 20.59 6.82 -14.82
N ALA B 343 21.69 6.83 -14.07
CA ALA B 343 23.02 6.72 -14.67
C ALA B 343 23.31 5.30 -15.21
N ALA B 344 22.62 4.30 -14.68
CA ALA B 344 22.84 2.91 -15.10
C ALA B 344 21.93 2.49 -16.23
N THR B 345 21.02 3.37 -16.65
CA THR B 345 20.04 3.00 -17.66
C THR B 345 19.98 4.01 -18.80
N LYS B 346 19.46 3.57 -19.95
CA LYS B 346 19.43 4.40 -21.15
C LYS B 346 18.08 5.06 -21.37
N ASN B 347 17.02 4.33 -21.07
CA ASN B 347 15.67 4.69 -21.48
C ASN B 347 14.95 5.62 -20.52
N CYS B 348 15.62 6.71 -20.18
CA CYS B 348 15.09 7.71 -19.26
C CYS B 348 15.70 9.02 -19.73
N ARG B 349 14.87 10.02 -20.04
CA ARG B 349 15.37 11.27 -20.58
C ARG B 349 16.05 12.13 -19.51
N TRP B 350 15.57 12.03 -18.27
CA TRP B 350 15.96 13.00 -17.24
C TRP B 350 16.26 12.44 -15.85
N TYR B 351 17.01 13.23 -15.09
CA TYR B 351 17.02 13.14 -13.64
C TYR B 351 16.14 14.26 -13.13
N GLU B 352 15.31 13.95 -12.14
CA GLU B 352 14.40 14.94 -11.56
C GLU B 352 15.12 15.72 -10.47
N ARG B 353 15.43 16.99 -10.73
CA ARG B 353 16.15 17.81 -9.77
C ARG B 353 15.21 18.81 -9.11
N GLY B 354 15.02 18.64 -7.80
CA GLY B 354 14.08 19.47 -7.06
C GLY B 354 13.62 18.75 -5.81
N LEU B 355 12.55 19.23 -5.18
CA LEU B 355 11.72 20.28 -5.75
C LEU B 355 12.30 21.68 -5.54
N LEU B 356 12.02 22.56 -6.50
CA LEU B 356 12.60 23.89 -6.55
C LEU B 356 11.58 24.98 -6.30
N HIS B 357 12.04 26.11 -5.76
CA HIS B 357 11.18 27.24 -5.43
C HIS B 357 12.04 28.49 -5.41
N PRO B 358 11.52 29.63 -5.92
CA PRO B 358 12.34 30.85 -5.97
C PRO B 358 12.86 31.30 -4.59
N PHE B 359 12.18 30.91 -3.51
CA PHE B 359 12.60 31.35 -2.18
C PHE B 359 13.75 30.50 -1.62
N LEU B 360 14.02 29.38 -2.27
CA LEU B 360 15.00 28.41 -1.75
C LEU B 360 16.18 28.26 -2.70
N GLU B 361 17.33 27.93 -2.14
CA GLU B 361 18.53 27.67 -2.93
C GLU B 361 18.89 26.18 -2.90
N TYR B 362 18.46 25.45 -3.92
CA TYR B 362 18.71 24.01 -3.98
C TYR B 362 20.19 23.67 -3.93
N ASP B 363 21.02 24.48 -4.61
CA ASP B 363 22.42 24.16 -4.73
C ASP B 363 23.20 24.30 -3.40
N ASP B 364 22.54 24.81 -2.37
CA ASP B 364 23.16 24.91 -1.05
C ASP B 364 23.26 23.56 -0.33
N GLY B 365 22.46 22.60 -0.75
CA GLY B 365 22.55 21.26 -0.19
C GLY B 365 21.92 21.09 1.18
N HIS B 366 22.34 20.04 1.89
CA HIS B 366 21.78 19.73 3.20
C HIS B 366 22.84 19.84 4.26
N ASP B 367 22.45 20.21 5.47
CA ASP B 367 23.45 20.38 6.52
C ASP B 367 24.17 19.07 6.90
N TYR B 368 23.53 17.94 6.65
CA TYR B 368 24.09 16.64 7.02
C TYR B 368 24.90 15.97 5.90
N LEU B 369 25.02 16.66 4.77
CA LEU B 369 25.88 16.21 3.67
C LEU B 369 26.95 17.25 3.38
N LYS B 370 28.18 16.80 3.18
CA LYS B 370 29.30 17.70 3.02
C LYS B 370 29.37 18.28 1.61
N SER B 371 28.71 17.63 0.67
CA SER B 371 28.62 18.16 -0.69
C SER B 371 27.42 17.56 -1.39
N LEU B 372 27.11 18.10 -2.57
CA LEU B 372 25.92 17.69 -3.31
C LEU B 372 26.06 16.30 -3.88
N SER B 373 24.98 15.55 -3.86
CA SER B 373 24.93 14.26 -4.53
C SER B 373 24.66 14.46 -6.03
N ASP B 374 24.14 15.63 -6.39
CA ASP B 374 23.70 15.86 -7.77
C ASP B 374 24.07 17.24 -8.31
N PRO B 375 25.37 17.56 -8.32
CA PRO B 375 25.78 18.87 -8.80
C PRO B 375 25.46 19.00 -10.28
N MET B 376 25.08 20.20 -10.70
CA MET B 376 24.66 20.41 -12.09
C MET B 376 25.46 21.51 -12.74
N ASP B 377 26.00 21.23 -13.93
CA ASP B 377 26.77 22.24 -14.63
C ASP B 377 25.89 23.31 -15.28
N ARG B 378 26.52 24.31 -15.88
CA ARG B 378 25.77 25.42 -16.42
C ARG B 378 25.04 25.07 -17.72
N ASP B 379 25.24 23.86 -18.21
CA ASP B 379 24.55 23.37 -19.42
C ASP B 379 23.37 22.47 -19.08
N GLY B 380 23.13 22.27 -17.80
CA GLY B 380 21.97 21.49 -17.37
C GLY B 380 22.25 19.99 -17.23
N PHE B 381 23.52 19.60 -17.15
CA PHE B 381 23.86 18.21 -16.90
C PHE B 381 24.25 17.98 -15.44
N VAL B 382 23.63 17.00 -14.80
CA VAL B 382 24.06 16.58 -13.47
C VAL B 382 25.19 15.58 -13.63
N HIS B 383 26.26 15.75 -12.87
CA HIS B 383 27.39 14.83 -12.96
C HIS B 383 27.40 13.92 -11.75
N VAL B 384 27.29 12.62 -11.98
CA VAL B 384 27.31 11.67 -10.87
C VAL B 384 28.67 11.70 -10.18
N PRO B 385 28.68 11.90 -8.85
CA PRO B 385 29.94 11.89 -8.12
C PRO B 385 30.70 10.59 -8.32
N ASP B 386 32.02 10.61 -8.24
CA ASP B 386 32.80 9.38 -8.41
C ASP B 386 33.11 8.74 -7.06
N ARG B 387 32.24 9.00 -6.09
CA ARG B 387 32.40 8.47 -4.74
C ARG B 387 31.76 7.09 -4.64
N PRO B 388 32.31 6.21 -3.79
CA PRO B 388 31.81 4.83 -3.71
C PRO B 388 30.39 4.73 -3.15
N GLY B 389 29.74 3.59 -3.40
CA GLY B 389 28.38 3.37 -2.92
C GLY B 389 27.44 4.35 -3.60
N LEU B 390 26.47 4.86 -2.84
CA LEU B 390 25.56 5.87 -3.37
C LEU B 390 26.26 7.23 -3.45
N GLY B 391 27.45 7.30 -2.87
CA GLY B 391 28.26 8.51 -2.97
C GLY B 391 27.72 9.69 -2.18
N GLU B 392 26.89 9.42 -1.18
CA GLU B 392 26.40 10.49 -0.32
C GLU B 392 27.52 10.84 0.64
N ASP B 393 27.94 12.10 0.62
CA ASP B 393 29.12 12.54 1.35
C ASP B 393 28.69 12.91 2.77
N ILE B 394 28.50 11.89 3.60
CA ILE B 394 27.78 12.06 4.85
C ILE B 394 28.59 12.76 5.92
N ASP B 395 27.99 13.78 6.54
CA ASP B 395 28.67 14.47 7.64
C ASP B 395 28.31 13.74 8.93
N PHE B 396 29.06 12.70 9.25
CA PHE B 396 28.76 11.86 10.41
C PHE B 396 28.88 12.64 11.72
N THR B 397 29.79 13.60 11.74
CA THR B 397 29.99 14.44 12.92
C THR B 397 28.75 15.29 13.20
N PHE B 398 28.18 15.86 12.15
CA PHE B 398 26.96 16.65 12.29
C PHE B 398 25.83 15.79 12.82
N ILE B 399 25.69 14.61 12.23
CA ILE B 399 24.64 13.71 12.64
C ILE B 399 24.80 13.39 14.14
N ASP B 400 26.03 13.12 14.56
CA ASP B 400 26.29 12.79 15.96
C ASP B 400 25.97 13.97 16.89
N ASN B 401 26.31 15.18 16.45
CA ASN B 401 26.07 16.38 17.24
C ASN B 401 24.60 16.79 17.32
N ASN B 402 23.76 16.16 16.49
CA ASN B 402 22.36 16.57 16.42
C ASN B 402 21.38 15.41 16.61
N ARG B 403 21.77 14.41 17.40
CA ARG B 403 20.92 13.24 17.60
C ARG B 403 19.69 13.57 18.42
N VAL B 404 18.59 12.89 18.11
CA VAL B 404 17.37 12.98 18.91
C VAL B 404 17.44 11.96 20.04
#